data_2ZU9
#
_entry.id   2ZU9
#
_cell.length_a   54.655
_cell.length_b   84.867
_cell.length_c   83.565
_cell.angle_alpha   90.00
_cell.angle_beta   102.00
_cell.angle_gamma   90.00
#
_symmetry.space_group_name_H-M   'P 1 21 1'
#
loop_
_entity.id
_entity.type
_entity.pdbx_description
1 polymer 'Mannosyl-3-phosphoglycerate synthase'
2 non-polymer "GUANOSINE-5'-DIPHOSPHATE"
3 non-polymer 'COBALT (II) ION'
4 water water
#
_entity_poly.entity_id   1
_entity_poly.type   'polypeptide(L)'
_entity_poly.pdbx_seq_one_letter_code
;(MSE)LLEAPVYKEIFGAVTIHEVQKVIK(MSE)DTETEEVPIYTISNIPREKIYDLLGK(MSE)AVIVP(MSE)KNEKL
HLVDGVLKAIPHKCPIIIVSNSKREGPNRYKLEVDLIRHFYNLTHSKII(MSE)IHQKDPGLAKAFKEVGYTDILDENG
(MSE)IRSGKGEG(MSE)LVGLLLAKAIGAEYVGFVDADNYIPGAVNEYVKDYAAGFL(MSE)SESEYT(MSE)VRLHWR
HKPKVTKGTLYFKKWGRVSEITNHYLNLLVSEHTAFETTI(MSE)VTGNAGEHA(MSE)T(MSE)KLAEILPFSTGYSIE
PYEIVYILERFGKWENVEEFKDVFDQGIEIFQIETLNPHFHEDKGKEHVKE(MSE)LLLSLATIYHSKLATDNLRKRILK
DLRDHGILGENEEPPKPLV(MSE)RPIKEIPIKEW(MSE)DIVEGNSETLLRFEL
;
_entity_poly.pdbx_strand_id   A,B
#
loop_
_chem_comp.id
_chem_comp.type
_chem_comp.name
_chem_comp.formula
CO non-polymer 'COBALT (II) ION' 'Co 2'
GDP RNA linking GUANOSINE-5'-DIPHOSPHATE 'C10 H15 N5 O11 P2'
#
# COMPACT_ATOMS: atom_id res chain seq x y z
N MSE A 1 -5.71 -10.55 -9.43
CA MSE A 1 -5.20 -10.88 -8.07
C MSE A 1 -5.20 -12.38 -7.82
O MSE A 1 -6.04 -13.13 -8.34
CB MSE A 1 -6.10 -10.20 -7.01
CG MSE A 1 -5.60 -10.34 -5.60
SE MSE A 1 -6.86 -9.74 -4.25
CE MSE A 1 -7.15 -7.87 -4.80
N LEU A 2 -4.25 -12.84 -7.01
CA LEU A 2 -4.17 -14.25 -6.67
C LEU A 2 -4.27 -14.41 -5.15
N LEU A 3 -5.11 -15.33 -4.70
CA LEU A 3 -5.26 -15.61 -3.28
C LEU A 3 -5.21 -17.10 -3.13
N GLU A 4 -4.98 -17.55 -1.89
CA GLU A 4 -5.05 -18.97 -1.62
C GLU A 4 -6.53 -19.32 -1.89
N ALA A 5 -6.77 -20.50 -2.46
CA ALA A 5 -8.14 -20.93 -2.78
C ALA A 5 -8.91 -21.20 -1.49
N PRO A 6 -10.20 -20.89 -1.46
CA PRO A 6 -11.07 -21.11 -0.29
C PRO A 6 -11.38 -22.59 -0.14
N VAL A 7 -10.40 -23.36 0.33
CA VAL A 7 -10.56 -24.80 0.49
C VAL A 7 -11.26 -25.26 1.77
N TYR A 8 -10.87 -24.68 2.90
CA TYR A 8 -11.46 -25.08 4.18
C TYR A 8 -12.43 -24.06 4.77
N LYS A 9 -13.36 -24.55 5.56
CA LYS A 9 -14.36 -23.70 6.18
C LYS A 9 -15.15 -24.52 7.18
N GLU A 10 -15.94 -23.81 7.99
CA GLU A 10 -16.78 -24.45 8.98
C GLU A 10 -18.20 -23.91 8.85
N ILE A 11 -19.16 -24.83 8.84
CA ILE A 11 -20.57 -24.47 8.70
C ILE A 11 -21.31 -24.59 10.02
N PHE A 12 -22.06 -23.55 10.36
CA PHE A 12 -22.89 -23.51 11.57
C PHE A 12 -24.28 -23.14 11.04
N GLY A 13 -25.19 -24.12 11.03
CA GLY A 13 -26.51 -23.85 10.52
C GLY A 13 -26.39 -23.35 9.09
N ALA A 14 -26.93 -22.15 8.83
CA ALA A 14 -26.87 -21.58 7.49
C ALA A 14 -25.68 -20.64 7.34
N VAL A 15 -24.80 -20.61 8.34
CA VAL A 15 -23.62 -19.73 8.31
C VAL A 15 -22.34 -20.46 7.89
N THR A 16 -21.74 -20.03 6.80
CA THR A 16 -20.48 -20.64 6.37
C THR A 16 -19.34 -19.67 6.67
N ILE A 17 -18.37 -20.13 7.44
CA ILE A 17 -17.22 -19.29 7.72
C ILE A 17 -16.00 -19.87 7.03
N HIS A 18 -15.47 -19.15 6.05
CA HIS A 18 -14.30 -19.61 5.33
C HIS A 18 -13.04 -19.35 6.14
N GLU A 19 -12.15 -20.31 6.09
CA GLU A 19 -10.88 -20.21 6.76
C GLU A 19 -10.16 -19.05 6.11
N VAL A 20 -9.39 -18.31 6.93
CA VAL A 20 -8.66 -17.16 6.43
C VAL A 20 -7.78 -17.49 5.20
N GLN A 21 -7.81 -16.61 4.20
CA GLN A 21 -7.06 -16.78 2.94
C GLN A 21 -6.09 -15.63 2.72
N LYS A 22 -4.88 -15.94 2.28
CA LYS A 22 -3.90 -14.89 2.03
C LYS A 22 -3.85 -14.40 0.59
N VAL A 23 -3.56 -13.12 0.43
CA VAL A 23 -3.40 -12.57 -0.89
C VAL A 23 -2.00 -13.09 -1.25
N ILE A 24 -1.88 -13.69 -2.43
CA ILE A 24 -0.62 -14.27 -2.87
C ILE A 24 0.11 -13.41 -3.89
N LYS A 25 -0.64 -12.69 -4.71
CA LYS A 25 -0.04 -11.84 -5.70
C LYS A 25 -1.00 -10.70 -5.95
N MSE A 26 -0.48 -9.49 -5.99
CA MSE A 26 -1.30 -8.30 -6.18
C MSE A 26 -1.97 -7.96 -7.51
O MSE A 26 -3.19 -7.78 -7.52
CB MSE A 26 -0.53 -7.09 -5.70
CG MSE A 26 -1.21 -6.45 -4.53
SE MSE A 26 -0.18 -5.00 -3.80
CE MSE A 26 -0.98 -3.53 -4.79
N ASP A 27 -1.22 -7.82 -8.59
CA ASP A 27 -1.80 -7.48 -9.90
C ASP A 27 -1.69 -8.63 -10.88
N THR A 28 -2.81 -9.12 -11.38
CA THR A 28 -2.80 -10.19 -12.38
C THR A 28 -3.99 -10.02 -13.31
N THR A 37 -4.11 -24.72 -5.83
CA THR A 37 -4.53 -24.26 -4.51
C THR A 37 -4.55 -22.73 -4.52
N ILE A 38 -4.64 -22.16 -5.71
CA ILE A 38 -4.64 -20.71 -5.85
C ILE A 38 -5.82 -20.26 -6.68
N SER A 39 -6.52 -19.25 -6.19
CA SER A 39 -7.65 -18.71 -6.91
C SER A 39 -7.18 -17.48 -7.64
N ASN A 40 -7.50 -17.41 -8.93
CA ASN A 40 -7.15 -16.26 -9.75
C ASN A 40 -8.39 -15.42 -9.99
N ILE A 41 -8.37 -14.21 -9.44
CA ILE A 41 -9.48 -13.27 -9.56
C ILE A 41 -8.93 -12.16 -10.43
N PRO A 42 -9.07 -12.28 -11.76
CA PRO A 42 -8.55 -11.23 -12.63
C PRO A 42 -9.01 -9.79 -12.36
N ARG A 43 -8.06 -8.89 -12.54
CA ARG A 43 -8.19 -7.44 -12.36
C ARG A 43 -9.45 -6.89 -13.02
N GLU A 44 -9.63 -7.25 -14.28
CA GLU A 44 -10.77 -6.80 -15.04
C GLU A 44 -12.09 -7.11 -14.34
N LYS A 45 -12.20 -8.28 -13.73
CA LYS A 45 -13.43 -8.61 -12.99
C LYS A 45 -13.60 -7.76 -11.74
N ILE A 46 -12.51 -7.52 -11.03
CA ILE A 46 -12.55 -6.73 -9.83
C ILE A 46 -13.00 -5.31 -10.16
N TYR A 47 -12.45 -4.76 -11.24
CA TYR A 47 -12.81 -3.41 -11.65
C TYR A 47 -14.25 -3.27 -12.04
N ASP A 48 -14.79 -4.32 -12.63
CA ASP A 48 -16.19 -4.26 -13.00
C ASP A 48 -17.05 -4.26 -11.74
N LEU A 49 -16.65 -5.00 -10.73
CA LEU A 49 -17.47 -5.00 -9.53
C LEU A 49 -17.40 -3.70 -8.70
N LEU A 50 -16.24 -3.05 -8.65
CA LEU A 50 -16.07 -1.81 -7.87
C LEU A 50 -17.13 -0.72 -8.09
N GLY A 51 -17.62 -0.60 -9.33
CA GLY A 51 -18.63 0.40 -9.61
C GLY A 51 -19.89 0.18 -8.78
N LYS A 52 -20.11 -1.07 -8.36
CA LYS A 52 -21.30 -1.40 -7.58
C LYS A 52 -21.10 -1.35 -6.07
N MSE A 53 -19.89 -1.04 -5.64
CA MSE A 53 -19.65 -1.00 -4.20
C MSE A 53 -19.35 0.39 -3.72
O MSE A 53 -18.49 1.06 -4.27
CB MSE A 53 -18.48 -1.91 -3.84
CG MSE A 53 -18.18 -1.93 -2.37
SE MSE A 53 -16.60 -2.97 -2.09
CE MSE A 53 -15.28 -1.56 -2.40
N ALA A 54 -20.06 0.83 -2.69
CA ALA A 54 -19.83 2.13 -2.11
C ALA A 54 -18.87 1.96 -0.92
N VAL A 55 -17.90 2.85 -0.81
CA VAL A 55 -16.94 2.78 0.28
C VAL A 55 -17.30 3.83 1.29
N ILE A 56 -17.66 3.37 2.48
CA ILE A 56 -18.07 4.24 3.57
C ILE A 56 -16.89 4.57 4.48
N VAL A 57 -16.68 5.87 4.69
CA VAL A 57 -15.57 6.33 5.53
C VAL A 57 -16.04 7.12 6.73
N PRO A 58 -16.27 6.43 7.85
CA PRO A 58 -16.72 7.11 9.08
C PRO A 58 -15.50 7.81 9.66
N MSE A 59 -15.61 9.09 9.97
CA MSE A 59 -14.45 9.81 10.50
C MSE A 59 -14.83 10.78 11.60
O MSE A 59 -15.91 11.40 11.59
CB MSE A 59 -13.72 10.55 9.39
CG MSE A 59 -14.51 11.69 8.74
SE MSE A 59 -13.51 12.60 7.29
CE MSE A 59 -13.52 11.22 5.89
N LYS A 60 -13.93 10.93 12.55
CA LYS A 60 -14.16 11.84 13.64
C LYS A 60 -12.83 12.44 14.10
N ASN A 61 -12.66 13.72 13.80
CA ASN A 61 -11.48 14.48 14.20
C ASN A 61 -10.13 13.84 13.83
N GLU A 62 -10.03 13.24 12.66
CA GLU A 62 -8.77 12.62 12.27
C GLU A 62 -7.93 13.67 11.58
N LYS A 63 -6.63 13.43 11.49
CA LYS A 63 -5.75 14.39 10.83
C LYS A 63 -6.06 14.46 9.35
N LEU A 64 -6.11 15.68 8.85
CA LEU A 64 -6.44 15.92 7.46
C LEU A 64 -5.50 15.23 6.47
N HIS A 65 -4.20 15.17 6.77
CA HIS A 65 -3.33 14.52 5.82
C HIS A 65 -3.61 13.02 5.72
N LEU A 66 -4.05 12.41 6.82
CA LEU A 66 -4.38 10.99 6.76
C LEU A 66 -5.65 10.77 5.95
N VAL A 67 -6.65 11.63 6.19
CA VAL A 67 -7.91 11.56 5.48
C VAL A 67 -7.64 11.71 3.99
N ASP A 68 -6.78 12.66 3.66
CA ASP A 68 -6.40 12.95 2.29
C ASP A 68 -5.82 11.70 1.61
N GLY A 69 -4.88 11.06 2.29
CA GLY A 69 -4.26 9.86 1.75
C GLY A 69 -5.28 8.75 1.50
N VAL A 70 -6.24 8.60 2.40
CA VAL A 70 -7.25 7.55 2.25
C VAL A 70 -8.13 7.79 1.00
N LEU A 71 -8.65 9.01 0.84
CA LEU A 71 -9.52 9.31 -0.31
C LEU A 71 -8.78 9.16 -1.65
N LYS A 72 -7.49 9.51 -1.68
CA LYS A 72 -6.69 9.41 -2.91
C LYS A 72 -6.39 7.97 -3.32
N ALA A 73 -6.50 7.05 -2.37
CA ALA A 73 -6.21 5.65 -2.68
C ALA A 73 -7.44 4.81 -3.01
N ILE A 74 -8.64 5.32 -2.78
CA ILE A 74 -9.83 4.54 -3.10
C ILE A 74 -10.00 4.56 -4.62
N PRO A 75 -10.16 3.37 -5.24
CA PRO A 75 -10.34 3.26 -6.69
C PRO A 75 -11.35 4.31 -7.14
N HIS A 76 -11.02 5.04 -8.20
CA HIS A 76 -11.87 6.11 -8.72
C HIS A 76 -13.31 5.64 -9.00
N LYS A 77 -13.43 4.37 -9.37
CA LYS A 77 -14.72 3.75 -9.69
C LYS A 77 -15.74 3.65 -8.57
N CYS A 78 -15.25 3.60 -7.34
CA CYS A 78 -16.10 3.48 -6.16
C CYS A 78 -16.71 4.76 -5.67
N PRO A 79 -18.03 4.78 -5.45
CA PRO A 79 -18.59 6.02 -4.94
C PRO A 79 -18.14 6.08 -3.47
N ILE A 80 -17.80 7.28 -3.00
CA ILE A 80 -17.34 7.46 -1.63
C ILE A 80 -18.36 8.15 -0.74
N ILE A 81 -18.65 7.53 0.38
CA ILE A 81 -19.60 8.08 1.35
C ILE A 81 -18.89 8.38 2.67
N ILE A 82 -18.86 9.65 3.02
CA ILE A 82 -18.21 10.06 4.24
C ILE A 82 -19.22 10.54 5.28
N VAL A 83 -19.13 9.99 6.49
CA VAL A 83 -20.01 10.44 7.58
C VAL A 83 -19.09 10.94 8.69
N SER A 84 -19.07 12.25 8.89
CA SER A 84 -18.19 12.82 9.91
C SER A 84 -18.92 13.16 11.18
N ASN A 85 -18.26 12.93 12.32
CA ASN A 85 -18.83 13.30 13.63
C ASN A 85 -17.78 14.21 14.23
N SER A 86 -17.07 14.92 13.36
CA SER A 86 -16.02 15.81 13.82
C SER A 86 -16.57 17.04 14.53
N LYS A 87 -15.70 17.63 15.32
CA LYS A 87 -15.97 18.82 16.09
C LYS A 87 -16.63 19.93 15.27
N ARG A 88 -17.73 20.47 15.78
CA ARG A 88 -18.49 21.48 15.07
C ARG A 88 -18.22 22.95 15.34
N GLU A 89 -17.56 23.26 16.45
CA GLU A 89 -17.26 24.64 16.76
C GLU A 89 -16.02 24.70 17.63
N GLY A 90 -15.29 25.80 17.50
CA GLY A 90 -14.08 25.97 18.28
C GLY A 90 -13.05 24.87 18.10
N PRO A 91 -12.64 24.55 16.85
CA PRO A 91 -13.11 25.17 15.60
C PRO A 91 -14.04 24.22 14.84
N ASN A 92 -14.67 24.72 13.77
CA ASN A 92 -15.58 23.89 12.98
C ASN A 92 -14.70 23.00 12.13
N ARG A 93 -14.32 21.84 12.68
CA ARG A 93 -13.48 20.89 11.95
C ARG A 93 -14.23 20.31 10.77
N TYR A 94 -15.56 20.27 10.85
CA TYR A 94 -16.32 19.76 9.73
C TYR A 94 -16.04 20.67 8.53
N LYS A 95 -15.91 21.96 8.76
CA LYS A 95 -15.65 22.91 7.66
C LYS A 95 -14.27 22.65 7.06
N LEU A 96 -13.27 22.37 7.89
CA LEU A 96 -11.93 22.06 7.39
C LEU A 96 -12.03 20.81 6.51
N GLU A 97 -12.87 19.86 6.92
CA GLU A 97 -13.07 18.64 6.17
C GLU A 97 -13.80 18.91 4.87
N VAL A 98 -14.77 19.80 4.90
CA VAL A 98 -15.48 20.16 3.68
C VAL A 98 -14.51 20.85 2.68
N ASP A 99 -13.63 21.72 3.18
CA ASP A 99 -12.68 22.38 2.30
C ASP A 99 -11.78 21.30 1.69
N LEU A 100 -11.30 20.40 2.54
CA LEU A 100 -10.45 19.30 2.09
C LEU A 100 -11.17 18.52 0.99
N ILE A 101 -12.39 18.06 1.25
CA ILE A 101 -13.14 17.28 0.26
C ILE A 101 -13.44 18.05 -1.02
N ARG A 102 -13.71 19.34 -0.89
CA ARG A 102 -14.00 20.13 -2.07
C ARG A 102 -12.77 20.20 -2.93
N HIS A 103 -11.61 20.35 -2.31
CA HIS A 103 -10.37 20.44 -3.06
C HIS A 103 -10.08 19.08 -3.73
N PHE A 104 -10.25 18.00 -2.99
CA PHE A 104 -10.03 16.66 -3.53
C PHE A 104 -10.91 16.46 -4.76
N TYR A 105 -12.15 16.90 -4.65
CA TYR A 105 -13.08 16.76 -5.75
C TYR A 105 -12.64 17.53 -7.02
N ASN A 106 -12.24 18.79 -6.85
CA ASN A 106 -11.82 19.60 -8.00
C ASN A 106 -10.57 19.05 -8.71
N LEU A 107 -9.82 18.18 -8.05
CA LEU A 107 -8.61 17.61 -8.66
C LEU A 107 -8.76 16.21 -9.21
N THR A 108 -9.81 15.52 -8.79
CA THR A 108 -10.01 14.15 -9.22
C THR A 108 -11.41 13.84 -9.75
N HIS A 109 -12.36 14.68 -9.39
CA HIS A 109 -13.76 14.47 -9.78
C HIS A 109 -14.26 13.10 -9.30
N SER A 110 -13.83 12.68 -8.11
CA SER A 110 -14.28 11.42 -7.54
C SER A 110 -15.75 11.59 -7.14
N LYS A 111 -16.54 10.53 -7.25
CA LYS A 111 -17.94 10.62 -6.88
C LYS A 111 -17.99 10.53 -5.36
N ILE A 112 -18.50 11.58 -4.73
CA ILE A 112 -18.55 11.66 -3.28
C ILE A 112 -19.82 12.23 -2.65
N ILE A 113 -20.12 11.71 -1.47
CA ILE A 113 -21.24 12.19 -0.67
C ILE A 113 -20.71 12.32 0.74
N MSE A 114 -20.93 13.48 1.35
CA MSE A 114 -20.50 13.64 2.72
C MSE A 114 -21.58 14.33 3.50
O MSE A 114 -22.35 15.13 2.97
CB MSE A 114 -19.22 14.47 2.81
CG MSE A 114 -18.81 14.72 4.26
SE MSE A 114 -17.08 15.60 4.44
CE MSE A 114 -17.28 16.90 3.02
N ILE A 115 -21.66 13.98 4.77
CA ILE A 115 -22.66 14.58 5.64
C ILE A 115 -22.11 14.51 7.05
N HIS A 116 -22.63 15.35 7.93
CA HIS A 116 -22.19 15.30 9.30
C HIS A 116 -23.23 14.52 10.12
N GLN A 117 -22.74 13.58 10.93
CA GLN A 117 -23.57 12.71 11.77
C GLN A 117 -24.68 13.43 12.58
N LYS A 118 -24.36 14.62 13.08
CA LYS A 118 -25.29 15.41 13.91
C LYS A 118 -26.22 16.35 13.11
N ASP A 119 -26.18 16.27 11.79
CA ASP A 119 -27.03 17.15 11.01
C ASP A 119 -28.49 17.02 11.45
N PRO A 120 -29.11 18.12 11.92
CA PRO A 120 -30.51 17.98 12.33
C PRO A 120 -31.42 17.48 11.22
N GLY A 121 -30.97 17.62 9.97
CA GLY A 121 -31.76 17.15 8.84
C GLY A 121 -31.85 15.62 8.86
N LEU A 122 -30.84 14.97 9.41
CA LEU A 122 -30.84 13.51 9.51
C LEU A 122 -31.78 13.01 10.59
N ALA A 123 -31.71 13.66 11.75
CA ALA A 123 -32.54 13.29 12.88
C ALA A 123 -34.01 13.45 12.51
N LYS A 124 -34.28 14.44 11.68
CA LYS A 124 -35.65 14.68 11.24
C LYS A 124 -36.17 13.52 10.42
N ALA A 125 -35.32 13.01 9.53
CA ALA A 125 -35.70 11.88 8.67
C ALA A 125 -35.90 10.59 9.46
N PHE A 126 -35.02 10.32 10.42
CA PHE A 126 -35.16 9.12 11.24
C PHE A 126 -36.45 9.21 12.04
N LYS A 127 -36.61 10.32 12.74
CA LYS A 127 -37.79 10.55 13.56
C LYS A 127 -39.04 10.35 12.73
N GLU A 128 -39.11 11.01 11.58
CA GLU A 128 -40.27 10.90 10.71
C GLU A 128 -40.63 9.53 10.15
N VAL A 129 -39.64 8.64 10.00
CA VAL A 129 -39.93 7.30 9.50
C VAL A 129 -40.16 6.33 10.67
N GLY A 130 -40.08 6.85 11.89
CA GLY A 130 -40.31 6.00 13.06
C GLY A 130 -39.12 5.18 13.52
N TYR A 131 -37.93 5.52 13.03
CA TYR A 131 -36.71 4.81 13.41
C TYR A 131 -36.02 5.65 14.47
N THR A 132 -36.26 5.32 15.73
CA THR A 132 -35.67 6.07 16.85
C THR A 132 -34.48 5.43 17.56
N ASP A 133 -34.12 4.21 17.18
CA ASP A 133 -32.99 3.52 17.80
C ASP A 133 -31.74 4.36 17.75
N ILE A 134 -31.63 5.17 16.71
CA ILE A 134 -30.46 6.01 16.55
C ILE A 134 -30.48 7.36 17.28
N LEU A 135 -31.63 7.78 17.78
CA LEU A 135 -31.75 9.07 18.45
C LEU A 135 -31.53 9.01 19.96
N ASP A 136 -30.87 10.04 20.49
CA ASP A 136 -30.58 10.13 21.92
C ASP A 136 -31.74 10.69 22.70
N GLU A 137 -31.43 11.25 23.87
CA GLU A 137 -32.43 11.84 24.76
C GLU A 137 -33.23 12.97 24.09
N ASN A 138 -32.53 13.97 23.55
CA ASN A 138 -33.21 15.11 22.91
C ASN A 138 -33.66 14.92 21.45
N GLY A 139 -33.62 13.68 20.96
CA GLY A 139 -34.03 13.47 19.58
C GLY A 139 -32.97 13.85 18.56
N MSE A 140 -31.72 13.91 19.00
CA MSE A 140 -30.63 14.21 18.09
C MSE A 140 -29.88 12.90 17.88
O MSE A 140 -29.93 12.00 18.72
CB MSE A 140 -29.71 15.28 18.65
CG MSE A 140 -30.32 16.69 18.67
SE MSE A 140 -30.90 17.37 16.89
CE MSE A 140 -32.84 17.55 17.23
N ILE A 141 -29.19 12.78 16.75
CA ILE A 141 -28.47 11.56 16.48
C ILE A 141 -27.35 11.30 17.47
N ARG A 142 -27.33 10.10 18.01
CA ARG A 142 -26.31 9.75 18.97
C ARG A 142 -24.93 9.70 18.33
N SER A 143 -23.94 10.11 19.12
CA SER A 143 -22.54 10.11 18.72
C SER A 143 -22.18 8.62 18.73
N GLY A 144 -21.12 8.26 18.02
CA GLY A 144 -20.73 6.86 17.99
C GLY A 144 -20.44 6.39 16.59
N LYS A 145 -19.45 5.52 16.46
CA LYS A 145 -19.05 5.00 15.17
C LYS A 145 -20.12 4.13 14.52
N GLY A 146 -20.75 3.26 15.32
CA GLY A 146 -21.80 2.42 14.76
C GLY A 146 -22.90 3.30 14.17
N GLU A 147 -23.24 4.38 14.87
CA GLU A 147 -24.28 5.27 14.39
C GLU A 147 -23.86 5.93 13.08
N GLY A 148 -22.59 6.28 12.97
CA GLY A 148 -22.10 6.89 11.73
C GLY A 148 -22.18 5.92 10.57
N MSE A 149 -21.86 4.65 10.82
CA MSE A 149 -21.91 3.64 9.79
C MSE A 149 -23.33 3.39 9.33
O MSE A 149 -23.59 3.16 8.14
CB MSE A 149 -21.28 2.34 10.29
CG MSE A 149 -19.77 2.39 10.37
SE MSE A 149 -19.06 0.93 11.41
CE MSE A 149 -20.02 -0.60 10.58
N LEU A 150 -24.27 3.45 10.28
CA LEU A 150 -25.69 3.24 9.96
C LEU A 150 -26.13 4.32 8.99
N VAL A 151 -25.71 5.55 9.23
CA VAL A 151 -26.03 6.67 8.35
C VAL A 151 -25.42 6.41 6.96
N GLY A 152 -24.15 6.02 6.96
CA GLY A 152 -23.49 5.74 5.69
C GLY A 152 -24.19 4.67 4.88
N LEU A 153 -24.68 3.65 5.60
CA LEU A 153 -25.40 2.52 4.99
C LEU A 153 -26.70 2.95 4.28
N LEU A 154 -27.48 3.82 4.92
CA LEU A 154 -28.71 4.29 4.29
C LEU A 154 -28.38 5.14 3.08
N LEU A 155 -27.31 5.94 3.18
CA LEU A 155 -26.92 6.76 2.03
C LEU A 155 -26.53 5.84 0.88
N ALA A 156 -25.78 4.78 1.20
CA ALA A 156 -25.32 3.82 0.20
C ALA A 156 -26.53 3.17 -0.46
N LYS A 157 -27.53 2.83 0.36
CA LYS A 157 -28.74 2.22 -0.18
C LYS A 157 -29.48 3.24 -1.05
N ALA A 158 -29.55 4.49 -0.58
CA ALA A 158 -30.24 5.56 -1.32
C ALA A 158 -29.69 5.73 -2.73
N ILE A 159 -28.37 5.60 -2.90
CA ILE A 159 -27.77 5.73 -4.23
C ILE A 159 -27.65 4.42 -5.02
N GLY A 160 -28.28 3.36 -4.52
CA GLY A 160 -28.30 2.08 -5.23
C GLY A 160 -27.11 1.12 -5.19
N ALA A 161 -26.23 1.28 -4.19
CA ALA A 161 -25.09 0.40 -4.06
C ALA A 161 -25.53 -1.05 -3.78
N GLU A 162 -24.85 -2.00 -4.40
CA GLU A 162 -25.13 -3.43 -4.23
C GLU A 162 -24.22 -3.98 -3.12
N TYR A 163 -23.07 -3.34 -2.95
CA TYR A 163 -22.10 -3.73 -1.93
C TYR A 163 -21.65 -2.48 -1.17
N VAL A 164 -21.21 -2.67 0.09
CA VAL A 164 -20.66 -1.58 0.88
C VAL A 164 -19.40 -2.07 1.58
N GLY A 165 -18.39 -1.21 1.58
CA GLY A 165 -17.14 -1.55 2.23
C GLY A 165 -16.76 -0.43 3.16
N PHE A 166 -16.34 -0.77 4.38
CA PHE A 166 -15.95 0.26 5.35
C PHE A 166 -14.46 0.35 5.40
N VAL A 167 -13.96 1.57 5.59
CA VAL A 167 -12.54 1.83 5.65
C VAL A 167 -12.36 2.92 6.69
N ASP A 168 -11.39 2.74 7.60
CA ASP A 168 -11.13 3.73 8.64
C ASP A 168 -10.31 4.85 8.01
N ALA A 169 -10.60 6.07 8.45
CA ALA A 169 -9.96 7.28 7.95
C ALA A 169 -8.58 7.62 8.52
N ASP A 170 -8.15 6.90 9.55
CA ASP A 170 -6.85 7.18 10.17
C ASP A 170 -5.73 6.19 9.80
N ASN A 171 -5.69 5.78 8.54
CA ASN A 171 -4.69 4.83 8.06
C ASN A 171 -3.44 5.58 7.59
N TYR A 172 -2.26 5.17 8.06
CA TYR A 172 -1.00 5.81 7.66
C TYR A 172 -0.54 5.28 6.31
N ILE A 173 -1.23 4.26 5.79
CA ILE A 173 -0.83 3.67 4.52
C ILE A 173 -1.90 3.69 3.41
N PRO A 174 -1.89 4.74 2.57
CA PRO A 174 -2.86 4.86 1.47
C PRO A 174 -2.94 3.56 0.69
N GLY A 175 -1.79 2.95 0.40
CA GLY A 175 -1.77 1.70 -0.33
C GLY A 175 -2.61 0.59 0.32
N ALA A 176 -2.54 0.48 1.64
CA ALA A 176 -3.33 -0.55 2.33
C ALA A 176 -4.81 -0.34 2.01
N VAL A 177 -5.25 0.91 2.03
CA VAL A 177 -6.65 1.21 1.72
C VAL A 177 -7.02 0.75 0.31
N ASN A 178 -6.12 1.02 -0.65
CA ASN A 178 -6.39 0.61 -2.02
C ASN A 178 -6.52 -0.92 -2.05
N GLU A 179 -5.67 -1.61 -1.30
CA GLU A 179 -5.74 -3.07 -1.24
C GLU A 179 -7.05 -3.55 -0.60
N TYR A 180 -7.48 -2.90 0.47
CA TYR A 180 -8.71 -3.31 1.15
C TYR A 180 -9.90 -3.35 0.20
N VAL A 181 -10.06 -2.31 -0.59
CA VAL A 181 -11.20 -2.26 -1.49
C VAL A 181 -11.14 -3.40 -2.49
N LYS A 182 -9.96 -3.65 -3.04
CA LYS A 182 -9.82 -4.73 -4.00
C LYS A 182 -10.02 -6.10 -3.35
N ASP A 183 -9.56 -6.27 -2.12
CA ASP A 183 -9.76 -7.52 -1.41
C ASP A 183 -11.26 -7.79 -1.17
N TYR A 184 -12.03 -6.75 -0.84
CA TYR A 184 -13.48 -6.90 -0.65
C TYR A 184 -14.10 -7.43 -1.95
N ALA A 185 -13.72 -6.82 -3.06
CA ALA A 185 -14.24 -7.25 -4.36
C ALA A 185 -13.86 -8.71 -4.60
N ALA A 186 -12.62 -9.06 -4.26
CA ALA A 186 -12.17 -10.43 -4.44
C ALA A 186 -13.07 -11.39 -3.69
N GLY A 187 -13.35 -11.05 -2.43
CA GLY A 187 -14.21 -11.90 -1.62
C GLY A 187 -15.59 -12.08 -2.24
N PHE A 188 -16.20 -10.97 -2.67
CA PHE A 188 -17.51 -11.07 -3.27
C PHE A 188 -17.47 -11.91 -4.57
N LEU A 189 -16.41 -11.75 -5.36
CA LEU A 189 -16.30 -12.52 -6.61
C LEU A 189 -16.13 -14.00 -6.37
N MSE A 190 -15.63 -14.37 -5.20
CA MSE A 190 -15.47 -15.78 -4.85
C MSE A 190 -16.71 -16.38 -4.18
O MSE A 190 -16.83 -17.61 -4.09
CB MSE A 190 -14.25 -15.95 -3.92
CG MSE A 190 -12.89 -15.90 -4.62
SE MSE A 190 -11.37 -16.14 -3.43
CE MSE A 190 -12.03 -17.52 -2.26
N SER A 191 -17.61 -15.53 -3.70
CA SER A 191 -18.80 -16.01 -3.02
C SER A 191 -19.91 -16.46 -3.97
N GLU A 192 -20.85 -17.21 -3.43
CA GLU A 192 -21.99 -17.71 -4.19
C GLU A 192 -23.31 -17.14 -3.65
N SER A 193 -23.37 -16.82 -2.36
CA SER A 193 -24.59 -16.28 -1.77
C SER A 193 -24.73 -14.78 -1.93
N GLU A 194 -25.97 -14.30 -2.00
CA GLU A 194 -26.21 -12.86 -2.09
C GLU A 194 -26.06 -12.22 -0.70
N TYR A 195 -25.89 -13.06 0.32
CA TYR A 195 -25.70 -12.61 1.71
C TYR A 195 -24.28 -13.00 2.02
N THR A 196 -23.38 -12.09 1.68
CA THR A 196 -21.94 -12.32 1.88
C THR A 196 -21.25 -11.21 2.63
N MSE A 197 -20.29 -11.60 3.45
CA MSE A 197 -19.50 -10.68 4.25
C MSE A 197 -18.02 -11.00 3.98
O MSE A 197 -17.65 -12.16 3.78
CB MSE A 197 -19.83 -10.85 5.73
CG MSE A 197 -19.05 -9.98 6.70
SE MSE A 197 -19.75 -10.24 8.52
CE MSE A 197 -21.11 -8.79 8.54
N VAL A 198 -17.20 -9.96 3.96
CA VAL A 198 -15.76 -10.10 3.72
C VAL A 198 -15.05 -9.31 4.79
N ARG A 199 -14.25 -10.00 5.61
CA ARG A 199 -13.53 -9.35 6.69
C ARG A 199 -12.05 -9.50 6.48
N LEU A 200 -11.32 -8.41 6.71
CA LEU A 200 -9.88 -8.41 6.55
C LEU A 200 -9.13 -8.63 7.86
N HIS A 201 -8.02 -9.35 7.73
CA HIS A 201 -7.15 -9.71 8.83
C HIS A 201 -5.72 -9.33 8.43
N TRP A 202 -4.86 -9.09 9.42
CA TRP A 202 -3.46 -8.76 9.10
C TRP A 202 -2.56 -9.75 9.83
N ARG A 220 -3.01 -7.40 20.74
CA ARG A 220 -3.58 -8.39 21.65
C ARG A 220 -5.12 -8.33 21.71
N VAL A 221 -5.70 -7.16 21.50
CA VAL A 221 -7.17 -7.02 21.54
C VAL A 221 -7.88 -7.92 20.53
N SER A 222 -7.41 -7.91 19.29
CA SER A 222 -8.00 -8.75 18.23
C SER A 222 -7.94 -10.19 18.66
N GLU A 223 -6.74 -10.61 19.07
CA GLU A 223 -6.52 -11.98 19.50
C GLU A 223 -7.43 -12.41 20.63
N ILE A 224 -7.64 -11.51 21.58
CA ILE A 224 -8.50 -11.79 22.72
C ILE A 224 -9.96 -11.90 22.29
N THR A 225 -10.40 -10.98 21.44
CA THR A 225 -11.79 -11.03 20.97
C THR A 225 -12.04 -12.34 20.20
N ASN A 226 -11.12 -12.70 19.33
CA ASN A 226 -11.26 -13.93 18.56
C ASN A 226 -11.24 -15.14 19.47
N HIS A 227 -10.40 -15.10 20.48
CA HIS A 227 -10.33 -16.22 21.40
C HIS A 227 -11.70 -16.50 21.97
N TYR A 228 -12.42 -15.45 22.38
CA TYR A 228 -13.74 -15.66 22.93
C TYR A 228 -14.85 -15.93 21.93
N LEU A 229 -14.75 -15.37 20.72
CA LEU A 229 -15.80 -15.63 19.75
C LEU A 229 -15.72 -17.12 19.43
N ASN A 230 -14.50 -17.62 19.24
CA ASN A 230 -14.33 -19.03 18.94
C ASN A 230 -14.87 -19.88 20.10
N LEU A 231 -14.70 -19.35 21.31
CA LEU A 231 -15.18 -20.00 22.52
C LEU A 231 -16.69 -20.09 22.53
N LEU A 232 -17.30 -18.99 22.09
CA LEU A 232 -18.75 -18.90 22.01
C LEU A 232 -19.27 -20.10 21.22
N VAL A 233 -18.57 -20.43 20.15
CA VAL A 233 -18.97 -21.56 19.32
C VAL A 233 -18.60 -22.90 19.97
N SER A 234 -17.35 -23.06 20.39
CA SER A 234 -16.92 -24.33 20.96
C SER A 234 -17.71 -24.79 22.20
N GLU A 235 -18.29 -23.83 22.94
CA GLU A 235 -19.09 -24.20 24.11
C GLU A 235 -20.31 -25.00 23.64
N HIS A 236 -20.65 -24.91 22.35
CA HIS A 236 -21.78 -25.67 21.83
C HIS A 236 -21.40 -26.86 20.92
N THR A 237 -20.27 -26.80 20.25
CA THR A 237 -19.85 -27.90 19.39
C THR A 237 -19.05 -28.97 20.14
N ALA A 238 -18.43 -28.56 21.25
CA ALA A 238 -17.61 -29.44 22.07
C ALA A 238 -16.20 -29.58 21.46
N PHE A 239 -15.97 -28.94 20.32
CA PHE A 239 -14.66 -28.97 19.66
C PHE A 239 -14.09 -27.57 19.58
N GLU A 240 -12.89 -27.42 20.11
CA GLU A 240 -12.25 -26.12 20.08
C GLU A 240 -11.89 -25.72 18.66
N THR A 241 -12.24 -24.49 18.29
CA THR A 241 -11.96 -24.00 16.96
C THR A 241 -11.21 -22.68 16.99
N THR A 242 -10.59 -22.33 15.86
CA THR A 242 -9.86 -21.08 15.72
C THR A 242 -10.24 -20.52 14.35
N ILE A 243 -11.41 -20.92 13.85
CA ILE A 243 -11.87 -20.45 12.54
C ILE A 243 -12.04 -18.92 12.46
N MSE A 244 -12.61 -18.31 13.49
CA MSE A 244 -12.82 -16.85 13.51
C MSE A 244 -11.52 -16.11 13.85
O MSE A 244 -10.99 -16.26 14.95
CB MSE A 244 -13.91 -16.51 14.54
CG MSE A 244 -14.18 -15.03 14.78
SE MSE A 244 -14.51 -13.96 13.18
CE MSE A 244 -15.69 -15.18 12.17
N VAL A 245 -10.99 -15.35 12.89
CA VAL A 245 -9.77 -14.58 13.10
C VAL A 245 -9.96 -13.10 12.76
N THR A 246 -11.21 -12.73 12.49
CA THR A 246 -11.57 -11.34 12.15
C THR A 246 -12.65 -10.74 13.07
N GLY A 247 -12.59 -11.08 14.35
CA GLY A 247 -13.55 -10.57 15.31
C GLY A 247 -13.64 -9.05 15.42
N ASN A 248 -12.51 -8.35 15.38
CA ASN A 248 -12.46 -6.89 15.47
C ASN A 248 -12.10 -6.29 14.11
N ALA A 249 -12.66 -6.83 13.03
CA ALA A 249 -12.33 -6.31 11.71
C ALA A 249 -13.01 -5.01 11.29
N GLY A 250 -12.39 -3.88 11.64
CA GLY A 250 -12.93 -2.58 11.27
C GLY A 250 -13.06 -2.49 9.74
N GLU A 251 -12.12 -3.11 9.04
CA GLU A 251 -12.17 -3.12 7.59
C GLU A 251 -12.93 -4.34 7.10
N HIS A 252 -14.16 -4.12 6.69
CA HIS A 252 -14.99 -5.19 6.19
C HIS A 252 -16.03 -4.66 5.22
N ALA A 253 -16.64 -5.58 4.50
CA ALA A 253 -17.65 -5.23 3.53
C ALA A 253 -18.77 -6.27 3.55
N MSE A 254 -19.94 -5.86 3.05
CA MSE A 254 -21.08 -6.74 3.00
C MSE A 254 -21.92 -6.38 1.80
O MSE A 254 -21.87 -5.24 1.30
CB MSE A 254 -21.98 -6.55 4.24
CG MSE A 254 -21.28 -6.50 5.59
SE MSE A 254 -22.66 -6.19 6.94
CE MSE A 254 -22.59 -4.22 7.12
N THR A 255 -22.71 -7.34 1.33
CA THR A 255 -23.63 -7.08 0.23
C THR A 255 -24.72 -6.26 0.92
N MSE A 256 -25.36 -5.35 0.19
CA MSE A 256 -26.41 -4.52 0.77
C MSE A 256 -27.51 -5.43 1.34
O MSE A 256 -28.12 -5.14 2.37
CB MSE A 256 -27.00 -3.61 -0.30
CG MSE A 256 -28.17 -2.78 0.13
SE MSE A 256 -27.70 -1.66 1.65
CE MSE A 256 -26.37 -0.51 0.81
N LYS A 257 -27.75 -6.55 0.66
CA LYS A 257 -28.80 -7.48 1.10
C LYS A 257 -28.59 -8.02 2.51
N LEU A 258 -27.33 -8.20 2.88
CA LEU A 258 -27.02 -8.70 4.22
C LEU A 258 -27.01 -7.51 5.18
N ALA A 259 -26.33 -6.43 4.77
CA ALA A 259 -26.24 -5.25 5.61
C ALA A 259 -27.60 -4.75 6.10
N GLU A 260 -28.60 -4.77 5.21
CA GLU A 260 -29.89 -4.26 5.62
C GLU A 260 -30.70 -5.13 6.60
N ILE A 261 -30.27 -6.36 6.88
CA ILE A 261 -31.00 -7.19 7.84
C ILE A 261 -30.24 -7.37 9.16
N LEU A 262 -29.11 -6.73 9.28
CA LEU A 262 -28.33 -6.83 10.51
C LEU A 262 -28.62 -5.71 11.50
N PRO A 263 -28.83 -6.06 12.79
CA PRO A 263 -29.07 -5.00 13.77
C PRO A 263 -27.64 -4.50 13.92
N PHE A 264 -27.44 -3.24 14.28
CA PHE A 264 -26.07 -2.77 14.43
C PHE A 264 -25.83 -2.26 15.86
N SER A 265 -24.75 -2.71 16.47
CA SER A 265 -24.48 -2.27 17.82
C SER A 265 -23.95 -0.85 17.81
N THR A 266 -24.09 -0.20 18.96
CA THR A 266 -23.70 1.19 19.14
C THR A 266 -22.20 1.40 19.31
N GLY A 267 -21.79 2.65 19.11
CA GLY A 267 -20.38 2.99 19.26
C GLY A 267 -19.44 2.00 18.64
N TYR A 268 -18.38 1.64 19.37
CA TYR A 268 -17.34 0.71 18.90
C TYR A 268 -17.62 -0.78 19.01
N SER A 269 -18.80 -1.17 19.47
CA SER A 269 -19.07 -2.61 19.61
C SER A 269 -19.61 -3.27 18.33
N ILE A 270 -19.76 -2.49 17.27
CA ILE A 270 -20.33 -3.01 16.04
C ILE A 270 -19.73 -4.25 15.36
N GLU A 271 -18.41 -4.29 15.13
CA GLU A 271 -17.84 -5.44 14.44
C GLU A 271 -17.95 -6.82 15.11
N PRO A 272 -17.67 -6.93 16.41
CA PRO A 272 -17.82 -8.28 17.00
C PRO A 272 -19.28 -8.70 17.08
N TYR A 273 -20.16 -7.71 17.26
CA TYR A 273 -21.56 -8.02 17.39
C TYR A 273 -22.17 -8.56 16.09
N GLU A 274 -21.63 -8.14 14.94
CA GLU A 274 -22.12 -8.66 13.65
C GLU A 274 -21.93 -10.18 13.64
N ILE A 275 -20.78 -10.64 14.12
CA ILE A 275 -20.46 -12.07 14.18
C ILE A 275 -21.39 -12.78 15.19
N VAL A 276 -21.51 -12.19 16.36
CA VAL A 276 -22.37 -12.74 17.38
C VAL A 276 -23.84 -12.86 16.95
N TYR A 277 -24.39 -11.82 16.36
CA TYR A 277 -25.78 -11.86 15.94
C TYR A 277 -26.01 -12.89 14.82
N ILE A 278 -25.08 -12.96 13.89
CA ILE A 278 -25.18 -13.90 12.78
C ILE A 278 -25.19 -15.34 13.31
N LEU A 279 -24.38 -15.61 14.33
CA LEU A 279 -24.34 -16.95 14.94
C LEU A 279 -25.65 -17.27 15.69
N GLU A 280 -26.11 -16.33 16.49
CA GLU A 280 -27.34 -16.50 17.28
C GLU A 280 -28.57 -16.71 16.41
N ARG A 281 -28.72 -15.90 15.38
CA ARG A 281 -29.90 -15.98 14.53
C ARG A 281 -29.89 -16.97 13.38
N PHE A 282 -28.73 -17.21 12.79
CA PHE A 282 -28.65 -18.13 11.66
C PHE A 282 -27.78 -19.34 11.95
N GLY A 283 -27.24 -19.41 13.17
CA GLY A 283 -26.37 -20.51 13.55
C GLY A 283 -27.10 -21.84 13.66
N LYS A 284 -28.43 -21.78 13.73
CA LYS A 284 -29.28 -22.96 13.81
C LYS A 284 -30.50 -22.72 12.95
N TRP A 285 -31.14 -23.80 12.51
CA TRP A 285 -32.32 -23.68 11.68
C TRP A 285 -33.54 -23.47 12.55
N GLU A 286 -33.81 -22.21 12.85
CA GLU A 286 -34.93 -21.82 13.70
C GLU A 286 -35.71 -20.65 13.16
N ASN A 287 -37.03 -20.72 13.29
CA ASN A 287 -37.87 -19.61 12.85
C ASN A 287 -37.39 -19.20 11.45
N VAL A 288 -37.33 -20.19 10.56
CA VAL A 288 -36.85 -20.00 9.22
C VAL A 288 -37.71 -19.11 8.32
N GLU A 289 -39.03 -19.20 8.43
CA GLU A 289 -39.93 -18.40 7.59
C GLU A 289 -39.60 -16.90 7.54
N GLU A 290 -39.27 -16.34 8.69
CA GLU A 290 -38.93 -14.92 8.81
C GLU A 290 -37.77 -14.48 7.89
N PHE A 291 -36.77 -15.36 7.68
CA PHE A 291 -35.64 -15.05 6.82
C PHE A 291 -35.42 -16.11 5.78
N LYS A 292 -36.57 -16.48 5.25
CA LYS A 292 -36.74 -17.44 4.20
C LYS A 292 -35.54 -17.60 3.28
N ASP A 293 -35.35 -16.57 2.48
CA ASP A 293 -34.30 -16.52 1.48
C ASP A 293 -32.88 -16.57 2.01
N VAL A 294 -32.68 -16.05 3.22
CA VAL A 294 -31.37 -16.05 3.83
C VAL A 294 -31.00 -17.48 4.17
N PHE A 295 -31.97 -18.25 4.68
CA PHE A 295 -31.71 -19.64 5.00
C PHE A 295 -31.52 -20.44 3.73
N ASP A 296 -32.22 -20.08 2.67
CA ASP A 296 -32.04 -20.79 1.41
C ASP A 296 -30.63 -20.57 0.84
N GLN A 297 -30.19 -19.32 0.78
CA GLN A 297 -28.88 -19.00 0.20
C GLN A 297 -27.70 -19.18 1.13
N GLY A 298 -27.94 -19.04 2.42
CA GLY A 298 -26.87 -19.15 3.40
C GLY A 298 -26.16 -17.81 3.53
N ILE A 299 -25.42 -17.64 4.62
CA ILE A 299 -24.63 -16.44 4.83
C ILE A 299 -23.19 -16.94 4.73
N GLU A 300 -22.38 -16.28 3.89
CA GLU A 300 -20.98 -16.65 3.71
C GLU A 300 -20.08 -15.56 4.27
N ILE A 301 -19.10 -15.95 5.06
CA ILE A 301 -18.16 -14.98 5.62
C ILE A 301 -16.76 -15.33 5.15
N PHE A 302 -16.14 -14.40 4.43
CA PHE A 302 -14.79 -14.59 3.95
C PHE A 302 -13.85 -13.83 4.87
N GLN A 303 -12.66 -14.38 5.08
CA GLN A 303 -11.64 -13.74 5.92
C GLN A 303 -10.37 -13.71 5.08
N ILE A 304 -9.95 -12.51 4.70
CA ILE A 304 -8.78 -12.35 3.84
C ILE A 304 -7.66 -11.63 4.55
N GLU A 305 -6.48 -12.26 4.58
CA GLU A 305 -5.31 -11.66 5.21
C GLU A 305 -4.64 -10.78 4.16
N THR A 306 -4.60 -9.48 4.41
CA THR A 306 -4.04 -8.53 3.48
C THR A 306 -2.52 -8.67 3.36
N LEU A 307 -1.98 -8.21 2.24
CA LEU A 307 -0.55 -8.27 2.01
C LEU A 307 0.07 -7.13 2.82
N ASN A 308 -0.68 -6.05 2.95
CA ASN A 308 -0.21 -4.89 3.69
C ASN A 308 -0.39 -4.93 5.19
N PRO A 309 0.54 -4.30 5.92
CA PRO A 309 0.42 -4.27 7.38
C PRO A 309 -0.62 -3.20 7.76
N HIS A 310 -1.12 -3.31 8.98
CA HIS A 310 -2.11 -2.40 9.51
C HIS A 310 -1.40 -1.41 10.44
N PHE A 311 -1.35 -0.16 10.00
CA PHE A 311 -0.68 0.87 10.75
C PHE A 311 -1.57 2.10 10.79
N HIS A 312 -2.28 2.24 11.90
CA HIS A 312 -3.14 3.39 12.05
C HIS A 312 -2.76 4.16 13.28
N GLU A 313 -3.45 5.25 13.49
CA GLU A 313 -3.11 6.07 14.63
C GLU A 313 -3.31 5.48 16.01
N ASP A 314 -2.38 5.83 16.88
CA ASP A 314 -2.40 5.38 18.26
C ASP A 314 -3.28 6.37 18.96
N LYS A 315 -4.35 5.88 19.58
CA LYS A 315 -5.24 6.78 20.27
C LYS A 315 -5.14 6.68 21.79
N GLY A 316 -4.17 5.89 22.25
CA GLY A 316 -3.98 5.78 23.68
C GLY A 316 -4.62 4.63 24.41
N LYS A 317 -4.09 4.40 25.61
CA LYS A 317 -4.50 3.35 26.53
C LYS A 317 -6.00 3.20 26.80
N GLU A 318 -6.68 4.30 27.17
CA GLU A 318 -8.11 4.27 27.46
C GLU A 318 -8.86 3.70 26.27
N HIS A 319 -8.59 4.29 25.11
CA HIS A 319 -9.24 3.84 23.90
C HIS A 319 -9.10 2.33 23.74
N VAL A 320 -7.88 1.82 23.91
CA VAL A 320 -7.63 0.39 23.79
C VAL A 320 -8.39 -0.44 24.84
N LYS A 321 -8.50 0.09 26.06
CA LYS A 321 -9.22 -0.62 27.13
C LYS A 321 -10.69 -0.76 26.80
N GLU A 322 -11.23 0.35 26.30
CA GLU A 322 -12.62 0.47 25.94
C GLU A 322 -13.00 -0.49 24.80
N MSE A 323 -12.13 -0.60 23.80
CA MSE A 323 -12.38 -1.51 22.68
C MSE A 323 -12.46 -2.92 23.27
O MSE A 323 -13.29 -3.74 22.88
CB MSE A 323 -11.23 -1.46 21.68
CG MSE A 323 -11.05 -0.13 20.96
SE MSE A 323 -12.66 0.43 19.98
CE MSE A 323 -12.98 -1.16 18.93
N LEU A 324 -11.57 -3.19 24.22
CA LEU A 324 -11.52 -4.49 24.86
C LEU A 324 -12.81 -4.78 25.61
N LEU A 325 -13.19 -3.83 26.45
CA LEU A 325 -14.39 -3.96 27.27
C LEU A 325 -15.65 -4.16 26.43
N LEU A 326 -15.80 -3.38 25.37
CA LEU A 326 -16.97 -3.49 24.52
C LEU A 326 -16.98 -4.76 23.70
N SER A 327 -15.80 -5.21 23.27
CA SER A 327 -15.72 -6.44 22.49
C SER A 327 -16.21 -7.63 23.30
N LEU A 328 -15.64 -7.83 24.48
CA LEU A 328 -16.02 -8.97 25.32
C LEU A 328 -17.43 -8.81 25.89
N ALA A 329 -17.88 -7.58 26.10
CA ALA A 329 -19.22 -7.35 26.63
C ALA A 329 -20.24 -7.91 25.65
N THR A 330 -19.99 -7.70 24.37
CA THR A 330 -20.87 -8.17 23.31
C THR A 330 -20.99 -9.70 23.32
N ILE A 331 -19.91 -10.37 23.70
CA ILE A 331 -19.90 -11.82 23.77
C ILE A 331 -20.47 -12.31 25.11
N TYR A 332 -20.14 -11.60 26.17
CA TYR A 332 -20.62 -11.91 27.51
C TYR A 332 -22.14 -11.94 27.52
N HIS A 333 -22.75 -10.97 26.84
CA HIS A 333 -24.21 -10.89 26.81
C HIS A 333 -24.92 -11.66 25.69
N SER A 334 -24.18 -12.38 24.87
CA SER A 334 -24.83 -13.14 23.81
C SER A 334 -25.71 -14.27 24.35
N LYS A 335 -26.75 -14.60 23.59
CA LYS A 335 -27.66 -15.69 23.97
C LYS A 335 -26.95 -17.04 23.93
N LEU A 336 -25.83 -17.09 23.21
CA LEU A 336 -25.05 -18.32 23.10
C LEU A 336 -24.09 -18.48 24.26
N ALA A 337 -23.87 -17.41 25.01
CA ALA A 337 -22.96 -17.45 26.13
C ALA A 337 -23.39 -18.44 27.21
N THR A 338 -22.40 -19.05 27.85
CA THR A 338 -22.64 -20.01 28.92
C THR A 338 -22.02 -19.45 30.20
N ASP A 339 -22.19 -20.17 31.30
CA ASP A 339 -21.63 -19.74 32.56
C ASP A 339 -20.10 -19.80 32.55
N ASN A 340 -19.57 -20.89 32.02
CA ASN A 340 -18.11 -21.01 31.93
C ASN A 340 -17.54 -19.85 31.13
N LEU A 341 -18.18 -19.54 30.02
CA LEU A 341 -17.69 -18.46 29.18
C LEU A 341 -17.79 -17.11 29.88
N ARG A 342 -18.95 -16.79 30.45
CA ARG A 342 -19.13 -15.52 31.16
C ARG A 342 -18.11 -15.33 32.28
N LYS A 343 -17.83 -16.39 33.05
CA LYS A 343 -16.87 -16.30 34.14
C LYS A 343 -15.45 -16.11 33.64
N ARG A 344 -15.11 -16.80 32.55
CA ARG A 344 -13.79 -16.67 31.98
C ARG A 344 -13.60 -15.21 31.53
N ILE A 345 -14.67 -14.60 31.03
CA ILE A 345 -14.59 -13.21 30.58
C ILE A 345 -14.43 -12.20 31.73
N LEU A 346 -15.13 -12.43 32.84
CA LEU A 346 -15.00 -11.52 34.00
C LEU A 346 -13.60 -11.57 34.58
N LYS A 347 -13.11 -12.78 34.79
CA LYS A 347 -11.77 -12.94 35.32
C LYS A 347 -10.82 -12.13 34.45
N ASP A 348 -10.88 -12.37 33.14
CA ASP A 348 -10.00 -11.67 32.21
C ASP A 348 -10.09 -10.15 32.24
N LEU A 349 -11.32 -9.62 32.26
CA LEU A 349 -11.52 -8.18 32.28
C LEU A 349 -11.01 -7.51 33.58
N ARG A 350 -11.40 -8.07 34.72
CA ARG A 350 -11.00 -7.57 36.04
C ARG A 350 -9.48 -7.66 36.30
N ASP A 351 -8.95 -8.82 35.93
CA ASP A 351 -7.58 -9.28 36.07
C ASP A 351 -6.64 -8.49 35.24
N HIS A 352 -7.26 -7.85 34.27
CA HIS A 352 -6.67 -7.04 33.22
C HIS A 352 -6.91 -5.59 33.59
N GLY A 353 -7.62 -5.42 34.71
CA GLY A 353 -7.90 -4.11 35.28
C GLY A 353 -8.79 -3.15 34.51
N ILE A 354 -9.90 -3.57 33.92
CA ILE A 354 -10.76 -2.61 33.21
C ILE A 354 -12.23 -2.83 33.55
N LEU A 355 -12.45 -3.77 34.47
CA LEU A 355 -13.76 -4.09 34.95
C LEU A 355 -13.56 -4.10 36.47
N GLY A 356 -14.42 -3.40 37.18
CA GLY A 356 -14.31 -3.35 38.63
C GLY A 356 -14.40 -4.77 39.14
N GLU A 357 -13.78 -5.04 40.29
CA GLU A 357 -13.77 -6.38 40.85
C GLU A 357 -15.14 -7.09 40.98
N ASN A 358 -16.23 -6.37 41.21
CA ASN A 358 -17.54 -7.06 41.24
C ASN A 358 -18.54 -6.25 40.45
N GLU A 359 -18.23 -6.11 39.17
CA GLU A 359 -19.02 -5.34 38.22
C GLU A 359 -19.06 -6.20 36.95
N GLU A 360 -20.20 -6.24 36.27
CA GLU A 360 -20.18 -7.03 35.05
C GLU A 360 -20.11 -6.11 33.83
N PRO A 361 -19.86 -6.68 32.65
CA PRO A 361 -19.78 -5.81 31.48
C PRO A 361 -21.10 -5.11 31.16
N PRO A 362 -21.02 -3.88 30.65
CA PRO A 362 -22.24 -3.15 30.31
C PRO A 362 -22.86 -3.84 29.10
N LYS A 363 -24.15 -3.67 28.90
CA LYS A 363 -24.83 -4.28 27.77
C LYS A 363 -24.96 -3.21 26.69
N PRO A 364 -24.09 -3.26 25.66
CA PRO A 364 -24.17 -2.26 24.60
C PRO A 364 -25.54 -2.20 23.95
N LEU A 365 -25.97 -0.98 23.61
CA LEU A 365 -27.27 -0.76 22.97
C LEU A 365 -27.20 -1.32 21.54
N VAL A 366 -28.28 -1.96 21.11
CA VAL A 366 -28.36 -2.53 19.77
C VAL A 366 -29.47 -1.86 18.99
N MSE A 367 -29.16 -1.40 17.78
CA MSE A 367 -30.15 -0.73 16.94
C MSE A 367 -30.70 -1.73 15.93
O MSE A 367 -29.97 -2.60 15.46
CB MSE A 367 -29.50 0.45 16.22
CG MSE A 367 -28.78 1.43 17.14
SE MSE A 367 -27.99 2.90 16.12
CE MSE A 367 -26.13 2.21 15.85
N ARG A 368 -31.97 -1.63 15.56
CA ARG A 368 -32.52 -2.58 14.62
C ARG A 368 -32.09 -2.41 13.19
N PRO A 369 -32.30 -3.47 12.39
CA PRO A 369 -32.00 -3.55 10.96
C PRO A 369 -32.70 -2.39 10.31
N ILE A 370 -32.11 -1.85 9.26
CA ILE A 370 -32.70 -0.72 8.56
C ILE A 370 -33.56 -1.14 7.37
N LYS A 371 -33.75 -2.43 7.17
CA LYS A 371 -34.53 -2.84 6.02
C LYS A 371 -35.95 -2.25 5.89
N GLU A 372 -36.62 -2.01 7.01
CA GLU A 372 -37.98 -1.49 6.99
C GLU A 372 -38.11 0.01 6.72
N ILE A 373 -36.99 0.73 6.78
CA ILE A 373 -37.02 2.16 6.52
C ILE A 373 -37.31 2.38 5.04
N PRO A 374 -38.41 3.08 4.70
CA PRO A 374 -38.64 3.26 3.26
C PRO A 374 -37.59 4.29 2.85
N ILE A 375 -36.55 3.83 2.16
CA ILE A 375 -35.42 4.67 1.77
C ILE A 375 -35.73 5.93 0.96
N LYS A 376 -36.67 5.86 0.02
CA LYS A 376 -37.03 7.05 -0.77
C LYS A 376 -37.48 8.15 0.18
N GLU A 377 -38.47 7.80 1.00
CA GLU A 377 -39.02 8.72 1.98
C GLU A 377 -37.93 9.33 2.86
N TRP A 378 -37.08 8.47 3.41
CA TRP A 378 -36.00 8.93 4.28
C TRP A 378 -35.05 9.84 3.51
N MSE A 379 -34.64 9.41 2.33
CA MSE A 379 -33.72 10.21 1.52
C MSE A 379 -34.29 11.59 1.14
O MSE A 379 -33.55 12.59 1.11
CB MSE A 379 -33.29 9.42 0.26
CG MSE A 379 -32.09 10.02 -0.51
SE MSE A 379 -30.52 10.48 0.63
CE MSE A 379 -29.16 10.84 -0.75
N ASP A 380 -35.59 11.67 0.86
CA ASP A 380 -36.20 12.96 0.52
C ASP A 380 -36.11 13.91 1.72
N ILE A 381 -36.46 13.41 2.88
CA ILE A 381 -36.39 14.25 4.08
C ILE A 381 -34.96 14.71 4.30
N VAL A 382 -33.99 13.80 4.20
CA VAL A 382 -32.60 14.19 4.37
C VAL A 382 -32.21 15.24 3.35
N GLU A 383 -32.50 14.99 2.09
CA GLU A 383 -32.15 15.93 1.02
C GLU A 383 -32.76 17.32 1.23
N GLY A 384 -34.04 17.35 1.61
CA GLY A 384 -34.70 18.63 1.83
C GLY A 384 -34.42 19.36 3.13
N ASN A 385 -33.75 18.73 4.09
CA ASN A 385 -33.49 19.40 5.37
C ASN A 385 -32.08 19.42 5.90
N SER A 386 -31.15 18.76 5.23
CA SER A 386 -29.78 18.73 5.71
C SER A 386 -28.95 19.93 5.31
N GLU A 387 -28.32 20.55 6.31
CA GLU A 387 -27.49 21.72 6.08
C GLU A 387 -26.03 21.31 5.82
N THR A 388 -25.67 20.08 6.15
CA THR A 388 -24.28 19.64 5.96
C THR A 388 -24.08 18.71 4.76
N LEU A 389 -25.18 18.25 4.17
CA LEU A 389 -25.09 17.33 3.04
C LEU A 389 -24.48 17.94 1.78
N LEU A 390 -23.38 17.34 1.32
CA LEU A 390 -22.71 17.80 0.10
C LEU A 390 -22.52 16.65 -0.88
N ARG A 391 -22.91 16.88 -2.14
CA ARG A 391 -22.77 15.82 -3.12
C ARG A 391 -21.93 16.26 -4.29
N PHE A 392 -21.19 15.29 -4.80
CA PHE A 392 -20.31 15.52 -5.91
C PHE A 392 -20.53 14.39 -6.90
N GLU A 393 -21.29 14.67 -7.95
CA GLU A 393 -21.55 13.68 -8.99
C GLU A 393 -22.16 12.44 -8.39
N LEU A 394 -22.86 12.62 -7.29
CA LEU A 394 -23.47 11.50 -6.62
C LEU A 394 -24.71 11.91 -5.84
N MSE B 1 -4.00 6.66 -13.43
CA MSE B 1 -3.47 7.46 -12.28
C MSE B 1 -3.52 8.94 -12.56
O MSE B 1 -3.41 9.37 -13.72
CB MSE B 1 -2.02 7.04 -11.98
CG MSE B 1 -1.35 7.77 -10.84
SE MSE B 1 0.54 7.29 -10.74
CE MSE B 1 0.40 5.32 -10.49
N LEU B 2 -3.69 9.75 -11.50
CA LEU B 2 -3.71 11.21 -11.66
C LEU B 2 -2.53 11.79 -10.89
N LEU B 3 -1.84 12.71 -11.53
CA LEU B 3 -0.69 13.34 -10.89
C LEU B 3 -0.66 14.84 -11.19
N GLU B 4 0.05 15.62 -10.38
CA GLU B 4 0.20 17.02 -10.66
C GLU B 4 0.95 17.03 -12.00
N ALA B 5 0.51 17.89 -12.92
CA ALA B 5 1.11 18.00 -14.23
C ALA B 5 2.53 18.54 -14.15
N PRO B 6 3.43 18.07 -15.02
CA PRO B 6 4.82 18.55 -15.01
C PRO B 6 4.86 19.98 -15.56
N VAL B 7 4.77 20.98 -14.68
CA VAL B 7 4.77 22.37 -15.10
C VAL B 7 6.14 23.06 -14.99
N TYR B 8 6.63 23.13 -13.77
CA TYR B 8 7.90 23.78 -13.49
C TYR B 8 9.08 22.84 -13.64
N LYS B 9 10.20 23.39 -14.10
CA LYS B 9 11.41 22.60 -14.28
C LYS B 9 12.60 23.53 -14.47
N GLU B 10 13.79 23.00 -14.29
CA GLU B 10 15.00 23.78 -14.49
C GLU B 10 15.89 23.04 -15.48
N ILE B 11 16.53 23.80 -16.37
CA ILE B 11 17.38 23.24 -17.42
C ILE B 11 18.86 23.56 -17.23
N PHE B 12 19.70 22.53 -17.37
CA PHE B 12 21.14 22.70 -17.24
C PHE B 12 21.72 22.04 -18.47
N GLY B 13 22.05 22.85 -19.47
CA GLY B 13 22.60 22.31 -20.69
C GLY B 13 21.58 21.38 -21.28
N ALA B 14 21.94 20.12 -21.48
CA ALA B 14 21.01 19.17 -22.06
C ALA B 14 20.16 18.42 -21.01
N VAL B 15 20.29 18.81 -19.75
CA VAL B 15 19.56 18.16 -18.65
C VAL B 15 18.35 18.92 -18.12
N THR B 16 17.17 18.31 -18.22
CA THR B 16 15.95 18.92 -17.73
C THR B 16 15.57 18.23 -16.43
N ILE B 17 15.49 19.00 -15.35
CA ILE B 17 15.09 18.46 -14.07
C ILE B 17 13.72 18.99 -13.72
N HIS B 18 12.73 18.10 -13.76
CA HIS B 18 11.36 18.46 -13.44
C HIS B 18 11.13 18.57 -11.94
N GLU B 19 10.33 19.58 -11.56
CA GLU B 19 10.02 19.80 -10.16
C GLU B 19 9.24 18.60 -9.68
N VAL B 20 9.35 18.30 -8.40
CA VAL B 20 8.68 17.14 -7.85
C VAL B 20 7.17 17.17 -8.06
N GLN B 21 6.59 16.03 -8.44
CA GLN B 21 5.16 15.94 -8.68
C GLN B 21 4.50 14.90 -7.77
N LYS B 22 3.38 15.29 -7.19
CA LYS B 22 2.64 14.42 -6.30
C LYS B 22 1.64 13.55 -7.02
N VAL B 23 1.45 12.33 -6.50
CA VAL B 23 0.44 11.43 -7.04
C VAL B 23 -0.83 12.00 -6.42
N ILE B 24 -1.83 12.27 -7.26
CA ILE B 24 -3.10 12.86 -6.80
C ILE B 24 -4.21 11.86 -6.56
N LYS B 25 -4.30 10.85 -7.41
CA LYS B 25 -5.31 9.82 -7.28
C LYS B 25 -4.68 8.57 -7.84
N MSE B 26 -4.77 7.50 -7.05
CA MSE B 26 -4.16 6.23 -7.36
C MSE B 26 -4.65 5.36 -8.54
O MSE B 26 -3.84 4.98 -9.41
CB MSE B 26 -4.16 5.36 -6.11
CG MSE B 26 -2.84 4.70 -5.84
SE MSE B 26 -2.87 3.77 -4.14
CE MSE B 26 -0.99 3.95 -3.67
N ASP B 27 -5.93 5.05 -8.53
CA ASP B 27 -6.56 4.18 -9.53
C ASP B 27 -7.49 4.81 -10.56
N THR B 28 -7.01 5.09 -11.76
CA THR B 28 -7.89 5.66 -12.77
C THR B 28 -7.66 5.06 -14.16
N THR B 37 -4.82 21.06 -14.49
CA THR B 37 -3.47 21.20 -13.95
C THR B 37 -3.04 19.84 -13.41
N ILE B 38 -3.73 18.82 -13.89
CA ILE B 38 -3.53 17.43 -13.51
C ILE B 38 -3.23 16.60 -14.75
N SER B 39 -2.30 15.66 -14.64
CA SER B 39 -1.96 14.78 -15.77
C SER B 39 -2.72 13.50 -15.53
N ASN B 40 -3.37 12.98 -16.55
CA ASN B 40 -4.07 11.73 -16.40
C ASN B 40 -3.34 10.65 -17.20
N ILE B 41 -2.70 9.73 -16.47
CA ILE B 41 -1.97 8.61 -17.05
C ILE B 41 -2.88 7.42 -16.82
N PRO B 42 -3.68 7.08 -17.83
CA PRO B 42 -4.59 5.95 -17.68
C PRO B 42 -3.97 4.61 -17.34
N ARG B 43 -4.62 3.95 -16.39
CA ARG B 43 -4.24 2.64 -15.87
C ARG B 43 -3.85 1.71 -17.03
N GLU B 44 -4.62 1.82 -18.11
CA GLU B 44 -4.42 1.01 -19.31
C GLU B 44 -3.03 1.14 -19.93
N LYS B 45 -2.55 2.37 -20.07
CA LYS B 45 -1.26 2.58 -20.68
C LYS B 45 -0.09 2.30 -19.72
N ILE B 46 -0.36 2.39 -18.43
CA ILE B 46 0.66 2.08 -17.43
C ILE B 46 0.93 0.58 -17.53
N TYR B 47 -0.13 -0.21 -17.49
CA TYR B 47 0.02 -1.66 -17.59
C TYR B 47 0.70 -2.04 -18.86
N ASP B 48 0.42 -1.27 -19.89
CA ASP B 48 1.01 -1.56 -21.16
C ASP B 48 2.52 -1.33 -21.11
N LEU B 49 2.98 -0.33 -20.36
CA LEU B 49 4.41 -0.10 -20.30
C LEU B 49 5.09 -1.13 -19.36
N LEU B 50 4.38 -1.54 -18.32
CA LEU B 50 4.91 -2.50 -17.37
C LEU B 50 5.55 -3.73 -17.97
N GLY B 51 4.95 -4.26 -19.04
CA GLY B 51 5.50 -5.43 -19.69
C GLY B 51 6.89 -5.21 -20.27
N LYS B 52 7.25 -3.94 -20.51
CA LYS B 52 8.56 -3.63 -21.09
C LYS B 52 9.58 -3.23 -20.02
N MSE B 53 9.20 -3.33 -18.75
CA MSE B 53 10.08 -2.93 -17.66
C MSE B 53 10.49 -4.03 -16.70
O MSE B 53 9.64 -4.73 -16.14
CB MSE B 53 9.43 -1.79 -16.85
CG MSE B 53 10.31 -1.27 -15.70
SE MSE B 53 9.47 0.13 -14.65
CE MSE B 53 8.95 -0.87 -13.05
N ALA B 54 11.80 -4.16 -16.50
CA ALA B 54 12.35 -5.14 -15.59
C ALA B 54 12.49 -4.48 -14.23
N VAL B 55 12.05 -5.16 -13.20
CA VAL B 55 12.16 -4.65 -11.85
C VAL B 55 13.32 -5.38 -11.23
N ILE B 56 14.39 -4.65 -10.94
CA ILE B 56 15.60 -5.24 -10.38
C ILE B 56 15.54 -5.13 -8.87
N VAL B 57 15.78 -6.25 -8.19
CA VAL B 57 15.72 -6.29 -6.74
C VAL B 57 17.05 -6.78 -6.16
N PRO B 58 17.95 -5.85 -5.84
CA PRO B 58 19.24 -6.22 -5.27
C PRO B 58 18.98 -6.48 -3.78
N MSE B 59 19.39 -7.64 -3.30
CA MSE B 59 19.17 -7.97 -1.90
C MSE B 59 20.39 -8.56 -1.24
O MSE B 59 21.23 -9.20 -1.89
CB MSE B 59 18.00 -8.94 -1.75
CG MSE B 59 18.23 -10.36 -2.20
SE MSE B 59 16.58 -11.44 -2.27
CE MSE B 59 16.41 -12.08 -0.38
N LYS B 60 20.49 -8.38 0.06
CA LYS B 60 21.60 -8.91 0.79
C LYS B 60 21.21 -9.16 2.23
N ASN B 61 21.08 -10.42 2.61
CA ASN B 61 20.73 -10.80 3.97
C ASN B 61 19.46 -10.14 4.52
N GLU B 62 18.44 -9.93 3.69
CA GLU B 62 17.22 -9.31 4.20
C GLU B 62 16.30 -10.41 4.73
N LYS B 63 15.36 -10.04 5.62
CA LYS B 63 14.43 -11.02 6.15
C LYS B 63 13.55 -11.54 5.02
N LEU B 64 13.41 -12.86 4.94
CA LEU B 64 12.62 -13.51 3.89
C LEU B 64 11.20 -13.01 3.84
N HIS B 65 10.65 -12.73 5.01
CA HIS B 65 9.28 -12.28 5.04
C HIS B 65 9.12 -10.92 4.33
N LEU B 66 10.12 -10.05 4.46
CA LEU B 66 10.02 -8.78 3.77
C LEU B 66 10.18 -9.00 2.27
N VAL B 67 11.13 -9.86 1.91
CA VAL B 67 11.41 -10.18 0.50
C VAL B 67 10.16 -10.74 -0.15
N ASP B 68 9.49 -11.63 0.58
CA ASP B 68 8.28 -12.27 0.10
C ASP B 68 7.21 -11.23 -0.21
N GLY B 69 7.00 -10.29 0.71
CA GLY B 69 6.02 -9.25 0.50
C GLY B 69 6.32 -8.38 -0.71
N VAL B 70 7.58 -8.00 -0.88
CA VAL B 70 8.02 -7.18 -2.02
C VAL B 70 7.73 -7.89 -3.36
N LEU B 71 8.13 -9.15 -3.46
CA LEU B 71 7.93 -9.92 -4.69
C LEU B 71 6.45 -10.06 -5.04
N LYS B 72 5.63 -10.30 -4.02
CA LYS B 72 4.20 -10.43 -4.20
C LYS B 72 3.51 -9.13 -4.64
N ALA B 73 4.18 -8.01 -4.39
CA ALA B 73 3.60 -6.71 -4.70
C ALA B 73 3.91 -6.22 -6.10
N ILE B 74 4.93 -6.79 -6.72
CA ILE B 74 5.30 -6.40 -8.08
C ILE B 74 4.28 -6.88 -9.09
N PRO B 75 3.78 -5.98 -9.95
CA PRO B 75 2.81 -6.38 -10.98
C PRO B 75 3.30 -7.62 -11.70
N HIS B 76 2.39 -8.57 -11.89
CA HIS B 76 2.69 -9.83 -12.56
C HIS B 76 3.38 -9.58 -13.91
N LYS B 77 2.91 -8.53 -14.57
CA LYS B 77 3.40 -8.11 -15.87
C LYS B 77 4.93 -7.94 -15.94
N CYS B 78 5.51 -7.37 -14.89
CA CYS B 78 6.93 -7.09 -14.85
C CYS B 78 7.88 -8.24 -14.58
N PRO B 79 8.89 -8.40 -15.44
CA PRO B 79 9.85 -9.48 -15.19
C PRO B 79 10.64 -9.04 -13.95
N ILE B 80 10.90 -9.98 -13.05
CA ILE B 80 11.62 -9.68 -11.82
C ILE B 80 13.06 -10.17 -11.91
N ILE B 81 14.01 -9.29 -11.61
CA ILE B 81 15.42 -9.66 -11.65
C ILE B 81 16.03 -9.49 -10.27
N ILE B 82 16.40 -10.60 -9.67
CA ILE B 82 16.99 -10.59 -8.35
C ILE B 82 18.49 -10.88 -8.31
N VAL B 83 19.24 -9.96 -7.70
CA VAL B 83 20.66 -10.15 -7.53
C VAL B 83 20.97 -10.18 -6.04
N SER B 84 21.25 -11.37 -5.54
CA SER B 84 21.55 -11.56 -4.14
C SER B 84 23.03 -11.56 -3.86
N ASN B 85 23.42 -10.95 -2.74
CA ASN B 85 24.82 -10.96 -2.29
C ASN B 85 24.73 -11.42 -0.85
N SER B 86 23.76 -12.30 -0.59
CA SER B 86 23.58 -12.79 0.76
C SER B 86 24.65 -13.79 1.15
N LYS B 87 24.80 -13.94 2.44
CA LYS B 87 25.77 -14.85 3.03
C LYS B 87 25.67 -16.26 2.44
N ARG B 88 26.80 -16.84 2.08
CA ARG B 88 26.82 -18.15 1.44
C ARG B 88 27.11 -19.37 2.31
N GLU B 89 27.54 -19.15 3.54
CA GLU B 89 27.84 -20.26 4.44
C GLU B 89 27.56 -19.88 5.88
N GLY B 90 27.24 -20.90 6.67
CA GLY B 90 26.96 -20.69 8.08
C GLY B 90 25.96 -19.59 8.44
N PRO B 91 24.73 -19.62 7.89
CA PRO B 91 24.20 -20.63 6.97
C PRO B 91 24.16 -20.08 5.53
N ASN B 92 23.85 -20.95 4.57
CA ASN B 92 23.78 -20.52 3.18
C ASN B 92 22.45 -19.79 3.01
N ARG B 93 22.43 -18.49 3.24
CA ARG B 93 21.16 -17.76 3.09
C ARG B 93 20.74 -17.72 1.63
N TYR B 94 21.71 -17.87 0.72
CA TYR B 94 21.32 -17.86 -0.68
C TYR B 94 20.37 -19.02 -0.91
N LYS B 95 20.62 -20.13 -0.23
CA LYS B 95 19.76 -21.31 -0.38
C LYS B 95 18.35 -21.02 0.11
N LEU B 96 18.24 -20.37 1.26
CA LEU B 96 16.95 -20.01 1.83
C LEU B 96 16.18 -19.11 0.84
N GLU B 97 16.89 -18.17 0.22
CA GLU B 97 16.24 -17.28 -0.74
C GLU B 97 15.78 -18.07 -1.95
N VAL B 98 16.61 -19.02 -2.37
CA VAL B 98 16.24 -19.88 -3.51
C VAL B 98 14.96 -20.67 -3.22
N ASP B 99 14.85 -21.25 -2.02
CA ASP B 99 13.66 -22.00 -1.65
C ASP B 99 12.44 -21.07 -1.67
N LEU B 100 12.62 -19.87 -1.13
CA LEU B 100 11.57 -18.86 -1.14
C LEU B 100 11.12 -18.51 -2.56
N ILE B 101 12.07 -18.26 -3.46
CA ILE B 101 11.72 -17.91 -4.84
C ILE B 101 11.04 -19.06 -5.55
N ARG B 102 11.51 -20.28 -5.30
CA ARG B 102 10.91 -21.45 -5.93
C ARG B 102 9.45 -21.59 -5.53
N HIS B 103 9.17 -21.45 -4.24
CA HIS B 103 7.80 -21.56 -3.72
C HIS B 103 6.93 -20.44 -4.29
N PHE B 104 7.48 -19.22 -4.30
CA PHE B 104 6.78 -18.05 -4.83
C PHE B 104 6.41 -18.32 -6.29
N TYR B 105 7.37 -18.84 -7.05
CA TYR B 105 7.09 -19.12 -8.45
C TYR B 105 6.02 -20.21 -8.61
N ASN B 106 6.07 -21.22 -7.75
CA ASN B 106 5.10 -22.30 -7.84
C ASN B 106 3.68 -21.79 -7.57
N LEU B 107 3.57 -20.68 -6.84
CA LEU B 107 2.26 -20.12 -6.53
C LEU B 107 1.80 -18.94 -7.38
N THR B 108 2.69 -18.36 -8.18
CA THR B 108 2.33 -17.20 -8.99
C THR B 108 2.73 -17.24 -10.44
N HIS B 109 3.65 -18.13 -10.79
CA HIS B 109 4.16 -18.21 -12.16
C HIS B 109 4.75 -16.87 -12.61
N SER B 110 5.35 -16.15 -11.67
CA SER B 110 6.00 -14.88 -11.98
C SER B 110 7.21 -15.17 -12.86
N LYS B 111 7.55 -14.21 -13.71
CA LYS B 111 8.71 -14.35 -14.57
C LYS B 111 9.85 -13.76 -13.73
N ILE B 112 10.82 -14.63 -13.45
CA ILE B 112 11.96 -14.31 -12.59
C ILE B 112 13.31 -14.89 -12.97
N ILE B 113 14.34 -14.05 -12.79
CA ILE B 113 15.72 -14.48 -12.96
C ILE B 113 16.37 -14.11 -11.64
N MSE B 114 17.17 -15.00 -11.10
CA MSE B 114 17.88 -14.69 -9.86
C MSE B 114 19.27 -15.26 -10.01
O MSE B 114 19.47 -16.29 -10.67
CB MSE B 114 17.22 -15.28 -8.63
CG MSE B 114 18.04 -15.04 -7.36
SE MSE B 114 17.09 -15.36 -5.69
CE MSE B 114 16.54 -17.18 -6.06
N ILE B 115 20.22 -14.61 -9.39
CA ILE B 115 21.58 -15.07 -9.47
C ILE B 115 22.30 -14.47 -8.26
N HIS B 116 23.35 -15.14 -7.82
CA HIS B 116 24.12 -14.63 -6.71
C HIS B 116 25.28 -13.79 -7.24
N GLN B 117 25.47 -12.61 -6.67
CA GLN B 117 26.53 -11.66 -7.07
C GLN B 117 27.94 -12.25 -7.20
N LYS B 118 28.26 -13.19 -6.32
CA LYS B 118 29.55 -13.84 -6.28
C LYS B 118 29.69 -15.08 -7.15
N ASP B 119 28.68 -15.39 -7.96
CA ASP B 119 28.76 -16.58 -8.81
C ASP B 119 30.04 -16.49 -9.63
N PRO B 120 30.88 -17.53 -9.60
CA PRO B 120 32.10 -17.44 -10.40
C PRO B 120 31.81 -17.40 -11.90
N GLY B 121 30.60 -17.79 -12.29
CA GLY B 121 30.22 -17.76 -13.69
C GLY B 121 30.04 -16.32 -14.16
N LEU B 122 29.75 -15.42 -13.23
CA LEU B 122 29.59 -14.02 -13.58
C LEU B 122 30.97 -13.40 -13.82
N ALA B 123 31.90 -13.66 -12.89
CA ALA B 123 33.26 -13.14 -12.99
C ALA B 123 33.88 -13.60 -14.30
N LYS B 124 33.63 -14.86 -14.64
CA LYS B 124 34.15 -15.40 -15.87
C LYS B 124 33.61 -14.68 -17.10
N ALA B 125 32.35 -14.28 -17.06
CA ALA B 125 31.75 -13.59 -18.19
C ALA B 125 32.33 -12.18 -18.40
N PHE B 126 32.51 -11.45 -17.29
CA PHE B 126 33.06 -10.10 -17.35
C PHE B 126 34.51 -10.07 -17.83
N LYS B 127 35.30 -11.05 -17.39
CA LYS B 127 36.71 -11.12 -17.80
C LYS B 127 36.84 -11.37 -19.30
N GLU B 128 36.09 -12.34 -19.79
CA GLU B 128 36.13 -12.69 -21.20
C GLU B 128 35.71 -11.56 -22.15
N VAL B 129 34.74 -10.73 -21.75
CA VAL B 129 34.35 -9.61 -22.60
C VAL B 129 35.30 -8.42 -22.32
N GLY B 130 36.17 -8.58 -21.33
CA GLY B 130 37.12 -7.52 -21.02
C GLY B 130 36.60 -6.32 -20.24
N TYR B 131 35.60 -6.53 -19.39
CA TYR B 131 35.06 -5.47 -18.55
C TYR B 131 35.50 -5.87 -17.16
N THR B 132 36.55 -5.24 -16.64
CA THR B 132 37.06 -5.62 -15.32
C THR B 132 36.88 -4.68 -14.13
N ASP B 133 36.15 -3.57 -14.33
CA ASP B 133 35.94 -2.62 -13.24
C ASP B 133 35.10 -3.19 -12.10
N ILE B 134 34.31 -4.20 -12.41
CA ILE B 134 33.44 -4.84 -11.44
C ILE B 134 34.15 -5.93 -10.61
N LEU B 135 35.38 -6.27 -10.97
CA LEU B 135 36.09 -7.33 -10.25
C LEU B 135 36.98 -6.84 -9.12
N ASP B 136 37.04 -7.59 -8.03
CA ASP B 136 37.91 -7.21 -6.92
C ASP B 136 39.28 -7.78 -7.24
N GLU B 137 40.16 -7.82 -6.25
CA GLU B 137 41.51 -8.33 -6.46
C GLU B 137 41.67 -9.84 -6.64
N ASN B 138 40.74 -10.64 -6.12
CA ASN B 138 40.83 -12.08 -6.28
C ASN B 138 40.11 -12.47 -7.57
N GLY B 139 39.77 -11.48 -8.39
CA GLY B 139 39.08 -11.76 -9.64
C GLY B 139 37.61 -12.15 -9.54
N MSE B 140 37.00 -11.93 -8.38
CA MSE B 140 35.59 -12.26 -8.22
C MSE B 140 34.79 -10.96 -8.21
O MSE B 140 35.34 -9.88 -7.97
CB MSE B 140 35.37 -13.02 -6.91
CG MSE B 140 35.97 -14.43 -6.88
SE MSE B 140 35.04 -15.76 -8.01
CE MSE B 140 36.13 -15.70 -9.61
N ILE B 141 33.48 -11.02 -8.49
CA ILE B 141 32.66 -9.82 -8.47
C ILE B 141 32.82 -9.16 -7.12
N ARG B 142 33.08 -7.86 -7.13
CA ARG B 142 33.25 -7.13 -5.89
C ARG B 142 31.89 -7.07 -5.17
N SER B 143 31.95 -7.10 -3.84
CA SER B 143 30.76 -7.05 -2.99
C SER B 143 30.29 -5.60 -2.99
N GLY B 144 28.97 -5.39 -2.97
CA GLY B 144 28.45 -4.02 -2.99
C GLY B 144 27.17 -3.86 -3.79
N LYS B 145 26.35 -2.89 -3.40
CA LYS B 145 25.08 -2.63 -4.09
C LYS B 145 25.22 -2.19 -5.55
N GLY B 146 26.19 -1.30 -5.82
CA GLY B 146 26.38 -0.83 -7.18
C GLY B 146 26.74 -1.97 -8.12
N GLU B 147 27.57 -2.88 -7.61
CA GLU B 147 27.98 -4.04 -8.39
C GLU B 147 26.77 -4.94 -8.69
N GLY B 148 25.93 -5.18 -7.68
CA GLY B 148 24.74 -5.99 -7.88
C GLY B 148 23.77 -5.39 -8.87
N MSE B 149 23.67 -4.05 -8.85
CA MSE B 149 22.78 -3.32 -9.75
C MSE B 149 23.22 -3.43 -11.19
O MSE B 149 22.39 -3.53 -12.12
CB MSE B 149 22.71 -1.84 -9.37
CG MSE B 149 21.78 -1.61 -8.18
SE MSE B 149 21.81 0.21 -7.51
CE MSE B 149 20.54 -0.04 -6.11
N LEU B 150 24.53 -3.39 -11.38
CA LEU B 150 25.15 -3.48 -12.68
C LEU B 150 24.86 -4.86 -13.24
N VAL B 151 25.02 -5.88 -12.39
CA VAL B 151 24.73 -7.25 -12.79
C VAL B 151 23.25 -7.34 -13.17
N GLY B 152 22.41 -6.73 -12.35
CA GLY B 152 20.98 -6.75 -12.64
C GLY B 152 20.66 -6.05 -13.95
N LEU B 153 21.37 -4.96 -14.22
CA LEU B 153 21.13 -4.18 -15.44
C LEU B 153 21.48 -4.98 -16.70
N LEU B 154 22.58 -5.73 -16.63
CA LEU B 154 22.99 -6.54 -17.77
C LEU B 154 21.99 -7.67 -18.01
N LEU B 155 21.48 -8.25 -16.94
CA LEU B 155 20.49 -9.32 -17.10
C LEU B 155 19.22 -8.75 -17.72
N ALA B 156 18.84 -7.55 -17.30
CA ALA B 156 17.64 -6.91 -17.83
C ALA B 156 17.86 -6.63 -19.30
N LYS B 157 19.08 -6.24 -19.64
CA LYS B 157 19.39 -5.96 -21.02
C LYS B 157 19.36 -7.22 -21.86
N ALA B 158 19.81 -8.32 -21.26
CA ALA B 158 19.84 -9.61 -21.95
C ALA B 158 18.44 -10.13 -22.28
N ILE B 159 17.42 -9.73 -21.52
CA ILE B 159 16.08 -10.20 -21.83
C ILE B 159 15.30 -9.17 -22.63
N GLY B 160 15.99 -8.13 -23.08
CA GLY B 160 15.35 -7.10 -23.88
C GLY B 160 14.45 -6.08 -23.20
N ALA B 161 14.72 -5.78 -21.92
CA ALA B 161 13.90 -4.78 -21.21
C ALA B 161 14.22 -3.39 -21.78
N GLU B 162 13.21 -2.54 -21.87
CA GLU B 162 13.37 -1.18 -22.37
C GLU B 162 13.53 -0.19 -21.23
N TYR B 163 13.02 -0.58 -20.06
CA TYR B 163 13.09 0.23 -18.86
C TYR B 163 13.50 -0.66 -17.70
N VAL B 164 14.19 -0.09 -16.72
CA VAL B 164 14.55 -0.84 -15.54
C VAL B 164 14.17 -0.02 -14.31
N GLY B 165 13.61 -0.68 -13.32
CA GLY B 165 13.22 -0.01 -12.10
C GLY B 165 13.82 -0.77 -10.93
N PHE B 166 14.37 -0.03 -9.98
CA PHE B 166 15.00 -0.66 -8.83
C PHE B 166 14.11 -0.47 -7.62
N VAL B 167 14.00 -1.50 -6.79
CA VAL B 167 13.22 -1.41 -5.55
C VAL B 167 13.96 -2.21 -4.49
N ASP B 168 14.05 -1.64 -3.29
CA ASP B 168 14.75 -2.27 -2.19
C ASP B 168 13.92 -3.42 -1.62
N ALA B 169 14.61 -4.50 -1.23
CA ALA B 169 13.94 -5.69 -0.71
C ALA B 169 13.55 -5.66 0.76
N ASP B 170 13.96 -4.63 1.49
CA ASP B 170 13.64 -4.54 2.92
C ASP B 170 12.46 -3.60 3.26
N ASN B 171 11.49 -3.51 2.35
CA ASN B 171 10.33 -2.64 2.54
C ASN B 171 9.25 -3.32 3.37
N TYR B 172 8.77 -2.62 4.39
CA TYR B 172 7.71 -3.15 5.26
C TYR B 172 6.35 -3.02 4.62
N ILE B 173 6.27 -2.25 3.55
CA ILE B 173 4.97 -2.04 2.94
C ILE B 173 4.89 -2.52 1.51
N PRO B 174 4.35 -3.73 1.31
CA PRO B 174 4.23 -4.27 -0.05
C PRO B 174 3.53 -3.30 -0.99
N GLY B 175 2.45 -2.69 -0.52
CA GLY B 175 1.72 -1.76 -1.37
C GLY B 175 2.54 -0.58 -1.89
N ALA B 176 3.55 -0.17 -1.13
CA ALA B 176 4.39 0.95 -1.58
C ALA B 176 5.22 0.47 -2.77
N VAL B 177 5.65 -0.79 -2.73
CA VAL B 177 6.43 -1.34 -3.82
C VAL B 177 5.55 -1.39 -5.07
N ASN B 178 4.30 -1.82 -4.89
CA ASN B 178 3.38 -1.85 -6.03
C ASN B 178 3.26 -0.43 -6.60
N GLU B 179 3.14 0.57 -5.73
CA GLU B 179 3.03 1.95 -6.21
C GLU B 179 4.31 2.43 -6.91
N TYR B 180 5.48 2.09 -6.35
CA TYR B 180 6.73 2.54 -6.96
C TYR B 180 6.80 2.18 -8.44
N VAL B 181 6.48 0.93 -8.74
CA VAL B 181 6.57 0.46 -10.10
C VAL B 181 5.61 1.23 -11.00
N LYS B 182 4.40 1.50 -10.51
CA LYS B 182 3.43 2.24 -11.33
C LYS B 182 3.86 3.67 -11.49
N ASP B 183 4.47 4.24 -10.45
CA ASP B 183 4.92 5.61 -10.58
C ASP B 183 6.05 5.74 -11.58
N TYR B 184 6.93 4.74 -11.65
CA TYR B 184 8.03 4.78 -12.62
C TYR B 184 7.42 4.85 -14.01
N ALA B 185 6.42 4.00 -14.23
CA ALA B 185 5.72 3.94 -15.51
C ALA B 185 5.11 5.29 -15.84
N ALA B 186 4.41 5.87 -14.86
CA ALA B 186 3.78 7.18 -15.05
C ALA B 186 4.83 8.20 -15.50
N GLY B 187 5.97 8.19 -14.84
CA GLY B 187 7.04 9.11 -15.18
C GLY B 187 7.51 8.92 -16.62
N PHE B 188 7.73 7.68 -17.03
CA PHE B 188 8.17 7.42 -18.40
C PHE B 188 7.08 7.85 -19.40
N LEU B 189 5.82 7.69 -19.02
CA LEU B 189 4.74 8.07 -19.94
C LEU B 189 4.57 9.58 -20.05
N MSE B 190 5.22 10.33 -19.18
CA MSE B 190 5.10 11.78 -19.24
C MSE B 190 6.28 12.46 -19.92
O MSE B 190 6.26 13.68 -20.14
CB MSE B 190 4.93 12.36 -17.83
CG MSE B 190 3.56 12.12 -17.20
SE MSE B 190 3.41 13.00 -15.49
CE MSE B 190 4.32 11.69 -14.28
N SER B 191 7.31 11.70 -20.24
CA SER B 191 8.50 12.28 -20.86
C SER B 191 8.50 12.20 -22.37
N GLU B 192 9.34 13.04 -22.95
CA GLU B 192 9.48 13.12 -24.39
C GLU B 192 10.86 12.70 -24.90
N SER B 193 11.73 12.23 -23.99
CA SER B 193 13.05 11.78 -24.39
C SER B 193 13.21 10.29 -24.11
N GLU B 194 14.02 9.64 -24.93
CA GLU B 194 14.31 8.21 -24.77
C GLU B 194 15.34 8.05 -23.65
N TYR B 195 15.90 9.16 -23.20
CA TYR B 195 16.86 9.19 -22.10
C TYR B 195 16.13 9.82 -20.94
N THR B 196 15.46 8.97 -20.15
CA THR B 196 14.69 9.45 -19.02
C THR B 196 14.96 8.68 -17.74
N MSE B 197 14.91 9.40 -16.64
CA MSE B 197 15.11 8.87 -15.29
C MSE B 197 13.91 9.33 -14.44
O MSE B 197 13.42 10.45 -14.57
CB MSE B 197 16.41 9.45 -14.71
CG MSE B 197 16.75 8.99 -13.30
SE MSE B 197 18.49 9.73 -12.78
CE MSE B 197 19.69 8.70 -13.99
N VAL B 198 13.44 8.42 -13.59
CA VAL B 198 12.35 8.70 -12.67
C VAL B 198 12.85 8.39 -11.26
N ARG B 199 12.79 9.37 -10.37
CA ARG B 199 13.26 9.17 -9.00
C ARG B 199 12.14 9.46 -8.03
N LEU B 200 11.94 8.56 -7.07
CA LEU B 200 10.87 8.76 -6.11
C LEU B 200 11.30 9.51 -4.85
N HIS B 201 10.39 10.32 -4.33
CA HIS B 201 10.59 11.15 -3.15
C HIS B 201 9.48 10.85 -2.11
N TRP B 202 9.81 10.81 -0.83
CA TRP B 202 8.79 10.59 0.20
C TRP B 202 8.51 11.96 0.79
N VAL B 221 19.57 13.34 6.46
CA VAL B 221 20.74 13.24 5.59
C VAL B 221 20.41 13.55 4.13
N SER B 222 19.34 12.94 3.61
CA SER B 222 18.96 13.15 2.22
C SER B 222 18.73 14.64 2.02
N GLU B 223 18.34 15.32 3.10
CA GLU B 223 18.13 16.76 3.01
C GLU B 223 19.50 17.42 2.91
N ILE B 224 20.49 16.82 3.55
CA ILE B 224 21.85 17.32 3.52
C ILE B 224 22.38 17.08 2.11
N THR B 225 22.17 15.87 1.60
CA THR B 225 22.60 15.53 0.27
C THR B 225 21.96 16.47 -0.77
N ASN B 226 20.65 16.66 -0.69
CA ASN B 226 19.99 17.55 -1.64
C ASN B 226 20.51 18.99 -1.50
N HIS B 227 20.76 19.41 -0.27
CA HIS B 227 21.26 20.77 -0.03
C HIS B 227 22.51 20.98 -0.88
N TYR B 228 23.44 20.02 -0.79
CA TYR B 228 24.68 20.13 -1.53
C TYR B 228 24.60 19.92 -3.02
N LEU B 229 23.67 19.07 -3.46
CA LEU B 229 23.51 18.83 -4.89
C LEU B 229 23.01 20.13 -5.55
N ASN B 230 22.07 20.79 -4.89
CA ASN B 230 21.55 22.05 -5.41
C ASN B 230 22.66 23.12 -5.36
N LEU B 231 23.46 23.08 -4.31
CA LEU B 231 24.59 23.98 -4.13
C LEU B 231 25.59 23.79 -5.28
N LEU B 232 25.70 22.55 -5.75
CA LEU B 232 26.61 22.20 -6.83
C LEU B 232 26.27 22.96 -8.11
N VAL B 233 24.99 23.21 -8.35
CA VAL B 233 24.59 23.93 -9.54
C VAL B 233 24.51 25.44 -9.23
N SER B 234 23.96 25.78 -8.07
CA SER B 234 23.82 27.18 -7.63
C SER B 234 25.13 27.98 -7.79
N GLU B 235 26.22 27.40 -7.31
CA GLU B 235 27.53 28.05 -7.38
C GLU B 235 27.85 28.54 -8.79
N HIS B 236 27.26 27.90 -9.81
CA HIS B 236 27.51 28.35 -11.18
C HIS B 236 26.42 29.27 -11.72
N THR B 237 25.16 28.97 -11.42
CA THR B 237 24.07 29.81 -11.91
C THR B 237 23.95 31.14 -11.17
N ALA B 238 24.34 31.13 -9.89
CA ALA B 238 24.28 32.30 -9.01
C ALA B 238 22.89 32.40 -8.34
N PHE B 239 21.98 31.52 -8.71
CA PHE B 239 20.63 31.51 -8.14
C PHE B 239 20.38 30.24 -7.34
N GLU B 240 20.14 30.41 -6.05
CA GLU B 240 19.88 29.28 -5.18
C GLU B 240 18.68 28.48 -5.70
N THR B 241 18.81 27.16 -5.70
CA THR B 241 17.73 26.30 -6.18
C THR B 241 17.44 25.15 -5.23
N THR B 242 16.22 24.61 -5.31
CA THR B 242 15.81 23.48 -4.47
C THR B 242 15.20 22.43 -5.39
N ILE B 243 15.45 22.57 -6.69
CA ILE B 243 14.87 21.66 -7.68
C ILE B 243 15.16 20.17 -7.44
N MSE B 244 16.33 19.86 -6.93
CA MSE B 244 16.70 18.47 -6.66
C MSE B 244 16.27 18.05 -5.25
O MSE B 244 16.75 18.61 -4.27
CB MSE B 244 18.23 18.33 -6.80
CG MSE B 244 18.80 17.04 -6.29
SE MSE B 244 18.06 15.38 -7.10
CE MSE B 244 17.79 15.93 -9.00
N VAL B 245 15.35 17.09 -5.16
CA VAL B 245 14.90 16.60 -3.87
C VAL B 245 14.95 15.07 -3.80
N THR B 246 15.69 14.46 -4.73
CA THR B 246 15.81 13.01 -4.78
C THR B 246 17.26 12.52 -4.83
N GLY B 247 18.18 13.31 -4.29
CA GLY B 247 19.58 12.94 -4.29
C GLY B 247 19.92 11.54 -3.81
N ASN B 248 19.24 11.04 -2.78
CA ASN B 248 19.50 9.71 -2.24
C ASN B 248 18.37 8.73 -2.54
N ALA B 249 17.64 8.91 -3.64
CA ALA B 249 16.53 8.02 -3.97
C ALA B 249 16.92 6.62 -4.46
N GLY B 250 16.88 5.65 -3.55
CA GLY B 250 17.21 4.27 -3.90
C GLY B 250 16.15 3.73 -4.86
N GLU B 251 14.92 4.23 -4.70
CA GLU B 251 13.79 3.85 -5.55
C GLU B 251 13.80 4.74 -6.78
N HIS B 252 14.39 4.27 -7.87
CA HIS B 252 14.40 5.03 -9.10
C HIS B 252 14.38 4.08 -10.29
N ALA B 253 14.16 4.65 -11.47
CA ALA B 253 14.08 3.86 -12.71
C ALA B 253 14.67 4.66 -13.87
N MSE B 254 15.09 3.96 -14.91
CA MSE B 254 15.65 4.59 -16.12
C MSE B 254 15.32 3.78 -17.39
O MSE B 254 15.06 2.57 -17.31
CB MSE B 254 17.19 4.66 -16.05
CG MSE B 254 17.80 5.19 -14.75
SE MSE B 254 19.74 4.97 -14.78
CE MSE B 254 20.02 3.54 -13.44
N THR B 255 15.32 4.45 -18.53
CA THR B 255 15.12 3.76 -19.81
C THR B 255 16.48 3.08 -19.96
N MSE B 256 16.51 1.93 -20.63
CA MSE B 256 17.77 1.21 -20.83
C MSE B 256 18.80 2.03 -21.61
O MSE B 256 20.00 1.87 -21.42
CB MSE B 256 17.48 -0.11 -21.57
CG MSE B 256 18.72 -0.91 -21.91
SE MSE B 256 19.74 -1.55 -20.36
CE MSE B 256 18.46 -2.83 -19.61
N LYS B 257 18.33 2.89 -22.50
CA LYS B 257 19.21 3.73 -23.31
C LYS B 257 20.02 4.68 -22.44
N LEU B 258 19.39 5.18 -21.38
CA LEU B 258 20.12 6.06 -20.49
C LEU B 258 21.01 5.22 -19.59
N ALA B 259 20.43 4.17 -19.02
CA ALA B 259 21.16 3.30 -18.11
C ALA B 259 22.46 2.70 -18.67
N GLU B 260 22.45 2.31 -19.94
CA GLU B 260 23.66 1.72 -20.52
C GLU B 260 24.81 2.68 -20.78
N ILE B 261 24.58 3.99 -20.69
CA ILE B 261 25.69 4.93 -20.93
C ILE B 261 26.20 5.59 -19.65
N LEU B 262 25.61 5.24 -18.51
CA LEU B 262 26.03 5.82 -17.25
C LEU B 262 27.11 5.07 -16.47
N PRO B 263 28.21 5.75 -16.09
CA PRO B 263 29.21 5.02 -15.32
C PRO B 263 28.51 4.87 -13.95
N PHE B 264 28.79 3.81 -13.19
CA PHE B 264 28.14 3.62 -11.89
C PHE B 264 29.11 3.49 -10.74
N SER B 265 28.78 4.16 -9.63
CA SER B 265 29.60 4.09 -8.42
C SER B 265 28.95 2.99 -7.56
N THR B 266 29.31 2.93 -6.27
CA THR B 266 28.73 1.93 -5.37
C THR B 266 28.50 2.39 -3.91
N GLY B 267 27.86 1.54 -3.09
CA GLY B 267 27.60 1.88 -1.70
C GLY B 267 26.45 2.86 -1.58
N TYR B 268 26.70 4.01 -0.95
CA TYR B 268 25.67 5.03 -0.80
C TYR B 268 25.92 6.10 -1.84
N SER B 269 26.97 5.93 -2.62
CA SER B 269 27.31 6.92 -3.61
C SER B 269 26.59 6.73 -4.92
N ILE B 270 25.99 5.56 -5.13
CA ILE B 270 25.31 5.30 -6.40
C ILE B 270 24.33 6.36 -6.85
N GLU B 271 23.27 6.54 -6.04
CA GLU B 271 22.21 7.50 -6.35
C GLU B 271 22.69 8.92 -6.58
N PRO B 272 23.44 9.49 -5.61
CA PRO B 272 23.89 10.86 -5.89
C PRO B 272 24.89 10.95 -7.04
N TYR B 273 25.68 9.91 -7.26
CA TYR B 273 26.65 9.96 -8.36
C TYR B 273 25.95 10.03 -9.69
N GLU B 274 24.79 9.41 -9.82
CA GLU B 274 24.06 9.48 -11.08
C GLU B 274 23.80 10.94 -11.45
N ILE B 275 23.34 11.71 -10.46
CA ILE B 275 23.04 13.14 -10.63
C ILE B 275 24.29 13.93 -10.94
N VAL B 276 25.31 13.76 -10.12
CA VAL B 276 26.54 14.47 -10.30
C VAL B 276 27.12 14.18 -11.69
N TYR B 277 27.14 12.92 -12.07
CA TYR B 277 27.68 12.56 -13.38
C TYR B 277 26.89 13.18 -14.53
N ILE B 278 25.57 13.10 -14.45
CA ILE B 278 24.72 13.65 -15.50
C ILE B 278 24.93 15.18 -15.62
N LEU B 279 25.01 15.89 -14.49
CA LEU B 279 25.22 17.34 -14.53
C LEU B 279 26.61 17.68 -15.08
N GLU B 280 27.59 16.92 -14.63
CA GLU B 280 28.98 17.09 -15.04
C GLU B 280 29.17 16.90 -16.55
N ARG B 281 28.62 15.81 -17.08
CA ARG B 281 28.77 15.49 -18.49
C ARG B 281 27.82 16.13 -19.48
N PHE B 282 26.55 16.31 -19.10
CA PHE B 282 25.59 16.87 -20.04
C PHE B 282 25.04 18.24 -19.65
N GLY B 283 25.53 18.80 -18.55
CA GLY B 283 25.09 20.10 -18.08
C GLY B 283 25.60 21.25 -18.94
N LYS B 284 26.54 20.93 -19.83
CA LYS B 284 27.13 21.88 -20.76
C LYS B 284 27.32 21.16 -22.06
N TRP B 285 27.48 21.92 -23.12
CA TRP B 285 27.65 21.35 -24.43
C TRP B 285 29.11 21.10 -24.81
N GLU B 286 29.74 20.18 -24.09
CA GLU B 286 31.14 19.81 -24.36
C GLU B 286 31.19 18.40 -24.91
N ASN B 287 31.96 18.18 -25.96
CA ASN B 287 32.07 16.85 -26.54
C ASN B 287 30.72 16.31 -27.02
N VAL B 288 29.79 17.20 -27.36
CA VAL B 288 28.48 16.74 -27.81
C VAL B 288 28.65 15.62 -28.82
N GLU B 289 29.70 15.73 -29.62
CA GLU B 289 30.01 14.75 -30.65
C GLU B 289 29.96 13.31 -30.16
N GLU B 290 30.48 13.07 -28.96
CA GLU B 290 30.54 11.73 -28.39
C GLU B 290 29.19 11.08 -28.07
N PHE B 291 28.20 11.90 -27.70
CA PHE B 291 26.87 11.43 -27.36
C PHE B 291 25.85 12.29 -28.10
N LYS B 292 26.10 12.53 -29.39
CA LYS B 292 25.21 13.36 -30.20
C LYS B 292 23.72 13.07 -30.00
N ASP B 293 23.31 11.80 -29.94
CA ASP B 293 21.88 11.52 -29.77
C ASP B 293 21.31 11.95 -28.43
N VAL B 294 22.14 11.85 -27.38
CA VAL B 294 21.72 12.25 -26.03
C VAL B 294 21.57 13.77 -25.96
N PHE B 295 22.54 14.50 -26.50
CA PHE B 295 22.49 15.94 -26.51
C PHE B 295 21.30 16.42 -27.33
N ASP B 296 20.97 15.67 -28.38
CA ASP B 296 19.83 16.05 -29.21
C ASP B 296 18.53 15.92 -28.44
N GLN B 297 18.26 14.71 -27.95
CA GLN B 297 17.02 14.45 -27.19
C GLN B 297 17.02 15.06 -25.80
N GLY B 298 18.21 15.19 -25.22
CA GLY B 298 18.31 15.72 -23.87
C GLY B 298 17.97 14.61 -22.89
N ILE B 299 18.27 14.86 -21.63
CA ILE B 299 17.98 13.90 -20.56
C ILE B 299 16.93 14.50 -19.67
N GLU B 300 15.90 13.71 -19.39
CA GLU B 300 14.82 14.15 -18.53
C GLU B 300 14.80 13.40 -17.20
N ILE B 301 14.72 14.16 -16.12
CA ILE B 301 14.68 13.59 -14.78
C ILE B 301 13.37 13.99 -14.11
N PHE B 302 12.51 13.01 -13.88
CA PHE B 302 11.23 13.23 -13.22
C PHE B 302 11.42 12.89 -11.77
N GLN B 303 10.71 13.61 -10.90
CA GLN B 303 10.77 13.37 -9.46
C GLN B 303 9.33 13.25 -8.99
N ILE B 304 8.97 12.08 -8.48
CA ILE B 304 7.63 11.84 -8.03
C ILE B 304 7.51 11.52 -6.56
N GLU B 305 6.60 12.24 -5.93
CA GLU B 305 6.33 12.05 -4.50
C GLU B 305 5.26 10.99 -4.41
N THR B 306 5.60 9.87 -3.81
CA THR B 306 4.67 8.77 -3.65
C THR B 306 3.58 9.10 -2.63
N LEU B 307 2.48 8.38 -2.74
CA LEU B 307 1.36 8.54 -1.86
C LEU B 307 1.66 7.80 -0.57
N ASN B 308 2.40 6.69 -0.68
CA ASN B 308 2.78 5.86 0.47
C ASN B 308 4.05 6.34 1.17
N PRO B 309 4.09 6.23 2.50
CA PRO B 309 5.27 6.63 3.27
C PRO B 309 6.36 5.58 3.08
N HIS B 310 7.56 5.86 3.58
CA HIS B 310 8.66 4.94 3.42
C HIS B 310 9.11 4.24 4.70
N PHE B 311 8.79 2.96 4.82
CA PHE B 311 9.17 2.17 5.98
C PHE B 311 10.03 0.99 5.59
N HIS B 312 11.30 1.07 5.95
CA HIS B 312 12.21 -0.02 5.65
C HIS B 312 12.97 -0.39 6.91
N GLU B 313 13.85 -1.37 6.78
CA GLU B 313 14.65 -1.85 7.88
C GLU B 313 15.54 -0.78 8.46
N ASP B 314 15.72 -0.80 9.78
CA ASP B 314 16.63 0.15 10.41
C ASP B 314 17.92 -0.64 10.60
N LYS B 315 18.96 -0.24 9.88
CA LYS B 315 20.25 -0.93 9.95
C LYS B 315 21.28 -0.45 10.98
N GLY B 316 20.90 0.47 11.86
CA GLY B 316 21.86 0.97 12.83
C GLY B 316 22.49 2.22 12.24
N LYS B 317 23.11 3.06 13.08
CA LYS B 317 23.69 4.29 12.55
C LYS B 317 25.12 4.28 12.01
N GLU B 318 25.77 3.14 11.99
CA GLU B 318 27.10 3.22 11.41
C GLU B 318 26.84 3.23 9.90
N HIS B 319 25.56 3.13 9.56
CA HIS B 319 25.09 3.18 8.19
C HIS B 319 24.80 4.63 7.86
N VAL B 320 23.94 5.26 8.66
CA VAL B 320 23.60 6.65 8.43
C VAL B 320 24.85 7.49 8.26
N LYS B 321 25.81 7.32 9.17
CA LYS B 321 27.06 8.08 9.08
C LYS B 321 27.77 7.78 7.76
N GLU B 322 27.78 6.50 7.39
CA GLU B 322 28.39 6.07 6.14
C GLU B 322 27.72 6.81 4.97
N MSE B 323 26.40 6.67 4.90
CA MSE B 323 25.58 7.29 3.87
C MSE B 323 25.94 8.74 3.59
O MSE B 323 26.03 9.15 2.42
CB MSE B 323 24.10 7.19 4.24
CG MSE B 323 23.20 8.18 3.50
SE MSE B 323 21.30 7.77 3.67
CE MSE B 323 20.65 8.37 1.96
N LEU B 324 26.14 9.53 4.64
CA LEU B 324 26.47 10.93 4.43
C LEU B 324 27.91 11.13 3.99
N LEU B 325 28.82 10.29 4.48
CA LEU B 325 30.23 10.41 4.10
C LEU B 325 30.36 10.14 2.61
N LEU B 326 29.82 9.01 2.16
CA LEU B 326 29.88 8.68 0.75
C LEU B 326 29.12 9.66 -0.14
N SER B 327 27.93 10.10 0.30
CA SER B 327 27.13 11.05 -0.47
C SER B 327 27.84 12.36 -0.74
N LEU B 328 28.31 13.01 0.31
CA LEU B 328 28.99 14.30 0.14
C LEU B 328 30.37 14.15 -0.50
N ALA B 329 30.95 12.96 -0.40
CA ALA B 329 32.25 12.70 -1.00
C ALA B 329 32.02 12.78 -2.50
N THR B 330 30.93 12.17 -2.97
CA THR B 330 30.58 12.17 -4.38
C THR B 330 30.55 13.60 -4.92
N ILE B 331 29.96 14.51 -4.16
CA ILE B 331 29.89 15.88 -4.62
C ILE B 331 31.22 16.58 -4.38
N TYR B 332 31.80 16.32 -3.21
CA TYR B 332 33.07 16.96 -2.91
C TYR B 332 34.06 16.76 -4.07
N HIS B 333 34.14 15.54 -4.62
CA HIS B 333 35.06 15.24 -5.72
C HIS B 333 34.60 15.59 -7.12
N SER B 334 33.36 16.05 -7.24
CA SER B 334 32.85 16.44 -8.55
C SER B 334 33.74 17.52 -9.12
N LYS B 335 33.86 17.57 -10.45
CA LYS B 335 34.68 18.61 -10.98
C LYS B 335 33.90 19.93 -11.04
N LEU B 336 32.62 19.87 -10.67
CA LEU B 336 31.78 21.08 -10.66
C LEU B 336 31.88 21.80 -9.33
N ALA B 337 32.48 21.14 -8.34
CA ALA B 337 32.61 21.70 -7.00
C ALA B 337 33.68 22.79 -6.79
N THR B 338 33.21 24.00 -6.49
CA THR B 338 34.08 25.15 -6.24
C THR B 338 34.72 24.97 -4.87
N ASP B 339 35.63 25.87 -4.50
CA ASP B 339 36.25 25.74 -3.19
C ASP B 339 35.26 25.99 -2.07
N ASN B 340 34.43 27.01 -2.27
CA ASN B 340 33.40 27.36 -1.30
C ASN B 340 32.67 26.06 -0.97
N LEU B 341 32.17 25.40 -2.00
CA LEU B 341 31.45 24.15 -1.80
C LEU B 341 32.29 23.12 -1.07
N ARG B 342 33.52 22.89 -1.52
CA ARG B 342 34.39 21.94 -0.86
C ARG B 342 34.63 22.32 0.60
N LYS B 343 34.96 23.59 0.84
CA LYS B 343 35.19 24.09 2.20
C LYS B 343 34.00 23.70 3.05
N ARG B 344 32.83 24.21 2.68
CA ARG B 344 31.60 23.91 3.43
C ARG B 344 31.35 22.43 3.66
N ILE B 345 31.53 21.59 2.63
CA ILE B 345 31.30 20.16 2.85
C ILE B 345 32.25 19.64 3.94
N LEU B 346 33.49 20.10 3.91
CA LEU B 346 34.46 19.67 4.91
C LEU B 346 34.04 20.18 6.28
N LYS B 347 33.85 21.51 6.36
CA LYS B 347 33.43 22.15 7.60
C LYS B 347 32.28 21.37 8.20
N ASP B 348 31.32 21.06 7.35
CA ASP B 348 30.14 20.32 7.76
C ASP B 348 30.43 18.89 8.20
N LEU B 349 31.45 18.24 7.65
CA LEU B 349 31.69 16.85 8.06
C LEU B 349 32.60 16.67 9.26
N GLU B 359 42.08 14.88 7.20
CA GLU B 359 41.61 13.80 6.33
C GLU B 359 40.60 14.34 5.31
N GLU B 360 40.74 13.89 4.06
CA GLU B 360 39.86 14.32 2.99
C GLU B 360 38.92 13.18 2.65
N PRO B 361 37.74 13.50 2.11
CA PRO B 361 36.92 12.31 1.84
C PRO B 361 37.46 11.44 0.70
N PRO B 362 37.38 10.13 0.87
CA PRO B 362 37.81 9.09 -0.06
C PRO B 362 37.08 9.34 -1.36
N LYS B 363 37.78 9.06 -2.44
CA LYS B 363 37.24 9.25 -3.76
C LYS B 363 36.39 8.03 -4.09
N PRO B 364 35.13 8.28 -4.50
CA PRO B 364 34.18 7.22 -4.84
C PRO B 364 34.71 6.33 -5.96
N LEU B 365 34.50 5.04 -5.79
CA LEU B 365 34.92 4.04 -6.76
C LEU B 365 33.90 4.10 -7.89
N VAL B 366 34.32 4.37 -9.13
CA VAL B 366 33.39 4.45 -10.27
C VAL B 366 33.70 3.42 -11.35
N MSE B 367 32.67 2.73 -11.82
CA MSE B 367 32.81 1.72 -12.86
C MSE B 367 32.27 2.23 -14.20
O MSE B 367 31.29 2.95 -14.26
CB MSE B 367 32.06 0.43 -12.48
CG MSE B 367 32.43 -0.14 -11.13
SE MSE B 367 31.29 -1.67 -10.71
CE MSE B 367 29.64 -0.68 -10.13
N ARG B 368 32.94 1.87 -15.28
CA ARG B 368 32.53 2.27 -16.61
C ARG B 368 31.15 1.82 -17.08
N PRO B 369 30.59 2.55 -18.06
CA PRO B 369 29.26 2.23 -18.63
C PRO B 369 29.34 0.81 -19.20
N ILE B 370 28.22 0.10 -19.20
CA ILE B 370 28.19 -1.26 -19.72
C ILE B 370 27.77 -1.34 -21.18
N LYS B 371 27.56 -0.19 -21.80
CA LYS B 371 27.14 -0.12 -23.19
C LYS B 371 27.94 -1.01 -24.17
N GLU B 372 29.27 -0.87 -24.16
CA GLU B 372 30.13 -1.62 -25.07
C GLU B 372 30.07 -3.15 -24.95
N ILE B 373 29.54 -3.65 -23.85
CA ILE B 373 29.47 -5.09 -23.66
C ILE B 373 28.59 -5.82 -24.66
N PRO B 374 29.17 -6.80 -25.37
CA PRO B 374 28.33 -7.54 -26.33
C PRO B 374 27.45 -8.41 -25.45
N ILE B 375 26.20 -8.01 -25.32
CA ILE B 375 25.25 -8.68 -24.45
C ILE B 375 24.96 -10.16 -24.72
N LYS B 376 24.73 -10.54 -25.98
CA LYS B 376 24.46 -11.96 -26.33
C LYS B 376 25.63 -12.82 -25.84
N GLU B 377 26.82 -12.34 -26.16
CA GLU B 377 28.07 -12.99 -25.79
C GLU B 377 28.23 -13.08 -24.28
N TRP B 378 27.97 -11.97 -23.59
CA TRP B 378 28.09 -11.95 -22.13
C TRP B 378 27.09 -12.95 -21.55
N MSE B 379 25.84 -12.86 -22.01
CA MSE B 379 24.79 -13.74 -21.50
C MSE B 379 25.08 -15.22 -21.73
O MSE B 379 24.79 -16.04 -20.87
CB MSE B 379 23.43 -13.37 -22.13
CG MSE B 379 22.22 -14.05 -21.48
SE MSE B 379 22.14 -13.71 -19.54
CE MSE B 379 20.45 -14.56 -19.06
N ASP B 380 25.62 -15.57 -22.90
CA ASP B 380 25.92 -16.98 -23.18
C ASP B 380 26.97 -17.55 -22.20
N ILE B 381 27.97 -16.74 -21.89
CA ILE B 381 28.99 -17.15 -20.94
C ILE B 381 28.35 -17.30 -19.55
N VAL B 382 27.52 -16.33 -19.18
CA VAL B 382 26.86 -16.43 -17.87
C VAL B 382 26.03 -17.73 -17.75
N GLU B 383 25.08 -17.94 -18.64
CA GLU B 383 24.24 -19.14 -18.54
C GLU B 383 24.97 -20.46 -18.79
N GLY B 384 26.19 -20.37 -19.32
CA GLY B 384 26.96 -21.57 -19.59
C GLY B 384 27.82 -21.97 -18.42
N ASN B 385 28.13 -21.01 -17.54
CA ASN B 385 28.98 -21.30 -16.39
C ASN B 385 28.45 -20.95 -15.00
N SER B 386 27.26 -20.35 -14.92
CA SER B 386 26.71 -19.95 -13.62
C SER B 386 25.96 -21.06 -12.92
N GLU B 387 26.42 -21.37 -11.70
CA GLU B 387 25.81 -22.40 -10.88
C GLU B 387 24.65 -21.86 -10.03
N THR B 388 24.52 -20.55 -9.93
CA THR B 388 23.43 -20.00 -9.13
C THR B 388 22.30 -19.37 -9.95
N LEU B 389 22.52 -19.14 -11.23
CA LEU B 389 21.48 -18.53 -12.06
C LEU B 389 20.24 -19.40 -12.12
N LEU B 390 19.09 -18.80 -11.82
CA LEU B 390 17.79 -19.50 -11.87
C LEU B 390 16.89 -18.66 -12.75
N ARG B 391 16.13 -19.34 -13.59
CA ARG B 391 15.21 -18.69 -14.49
C ARG B 391 13.85 -19.35 -14.36
N PHE B 392 12.82 -18.52 -14.42
CA PHE B 392 11.43 -19.00 -14.34
C PHE B 392 10.67 -18.23 -15.41
N GLU B 393 10.31 -18.93 -16.49
CA GLU B 393 9.57 -18.33 -17.61
C GLU B 393 10.28 -17.09 -18.15
N LEU B 394 11.60 -17.10 -18.19
CA LEU B 394 12.30 -15.91 -18.67
C LEU B 394 13.77 -16.18 -19.00
PB GDP C . 19.44 2.05 2.96
O1B GDP C . 18.01 1.65 2.90
O2B GDP C . 19.96 3.22 2.00
O3B GDP C . 20.08 2.38 4.40
O3A GDP C . 20.33 0.79 2.48
PA GDP C . 19.72 -0.70 2.50
O1A GDP C . 18.61 -1.02 3.43
O2A GDP C . 21.02 -1.66 2.51
O5' GDP C . 19.18 -0.87 0.99
C5' GDP C . 20.01 -1.48 0.01
C4' GDP C . 19.20 -2.45 -0.85
O4' GDP C . 20.13 -3.16 -1.70
C3' GDP C . 18.61 -3.53 0.04
O3' GDP C . 17.69 -4.35 -0.69
C2' GDP C . 19.88 -4.30 0.36
O2' GDP C . 19.56 -5.64 0.78
C1' GDP C . 20.49 -4.38 -1.03
N9 GDP C . 21.96 -4.55 -0.95
C8 GDP C . 22.77 -4.03 -0.03
N7 GDP C . 24.02 -4.41 -0.28
C5 GDP C . 24.02 -5.19 -1.36
C6 GDP C . 25.02 -5.83 -2.08
O6 GDP C . 26.19 -5.78 -1.72
N1 GDP C . 24.66 -6.56 -3.22
C2 GDP C . 23.30 -6.62 -3.60
N2 GDP C . 22.96 -7.31 -4.69
N3 GDP C . 22.37 -5.99 -2.88
C4 GDP C . 22.69 -5.28 -1.79
PB GDP D . -9.62 1.66 16.15
O1B GDP D . -9.28 1.58 14.71
O2B GDP D . -10.20 0.37 16.90
O3B GDP D . -8.51 2.24 17.17
O3A GDP D . -10.82 2.73 16.33
PA GDP D . -10.62 4.22 15.77
O1A GDP D . -9.26 4.77 15.65
O2A GDP D . -11.72 5.09 16.58
O5' GDP D . -11.28 4.13 14.31
C5' GDP D . -12.67 4.41 14.11
C4' GDP D . -12.93 4.89 12.68
O4' GDP D . -14.26 5.44 12.66
C3' GDP D . -12.03 6.09 12.40
O3' GDP D . -12.16 6.52 11.05
C2' GDP D . -12.69 7.10 13.34
O2' GDP D . -12.36 8.43 12.94
C1' GDP D . -14.16 6.84 12.98
N9 GDP D . -15.06 7.23 14.09
C8 GDP D . -14.85 7.08 15.40
N7 GDP D . -15.90 7.54 16.07
C5 GDP D . -16.80 7.96 15.18
C6 GDP D . -18.07 8.52 15.30
O6 GDP D . -18.56 8.73 16.40
N1 GDP D . -18.77 8.84 14.14
C2 GDP D . -18.18 8.62 12.90
N2 GDP D . -18.82 8.97 11.78
N3 GDP D . -16.94 8.11 12.81
C4 GDP D . -16.26 7.77 13.92
CO CO E . -7.90 3.34 14.25
CO CO F . 16.86 0.01 3.61
#